data_7KQY
#
_entry.id   7KQY
#
_cell.length_a   169.619
_cell.length_b   73.418
_cell.length_c   140.408
_cell.angle_alpha   90.00
_cell.angle_beta   125.71
_cell.angle_gamma   90.00
#
_symmetry.space_group_name_H-M   'C 1 2 1'
#
_entity_poly.entity_id   1
_entity_poly.type   'polypeptide(L)'
_entity_poly.pdbx_seq_one_letter_code
;EVQLVQSGAEVKKPGASVKVSCKTSGYTFTNYGINWVRQAPGQGLEWIGYIYIGAGDTDYSEKFKGRATITSDTSASTVY
MELSSLRSEDTAVYYCAGTGTRFVYWGQGTLVTVSSASTKGPSVFPLAPSSKSTSGGTAALGCLVKDYFPEPVTVSWNSG
ALTSGVHTFPAVLQSSGLYSLSSVVTVPSSSLGTQTYICNVNHKPSNTKVDKKVEPKSCDKTHTEVQLVQSGAEVKKPGA
SVKVSCKTSGYTFTNYGINWVRQAPGQGLEWIGYIYIGAGDTDYSEKFKGRATITSDTSASTVYMELSSLRSEDTAVYYC
AGTGTRFVYWGQGTLVTVSSASTKGPSVFPLAPSSKSTSGGTAALGCLVKDYFPEPVTVSWNSGALTSGVHTFPAVLQSS
GLYSLSSVVTVPSSSLGTQTYICNVNHKPSNTKVDKKVEPKSCDKTHT
;
_entity_poly.pdbx_strand_id   A,B,C,D,E,F
#
# COMPACT_ATOMS: atom_id res chain seq x y z
N GLU A 1 -7.47 0.91 -29.07
CA GLU A 1 -6.08 0.49 -29.31
C GLU A 1 -5.98 -1.00 -29.08
N VAL A 2 -5.11 -1.69 -29.83
CA VAL A 2 -4.91 -3.15 -29.68
C VAL A 2 -3.75 -3.38 -28.73
N GLN A 3 -4.00 -4.06 -27.65
CA GLN A 3 -2.97 -4.39 -26.68
C GLN A 3 -3.13 -5.83 -26.29
N LEU A 4 -2.02 -6.44 -25.92
CA LEU A 4 -1.93 -7.83 -25.47
C LEU A 4 -1.46 -7.75 -24.03
N VAL A 5 -2.27 -8.26 -23.13
CA VAL A 5 -1.96 -8.28 -21.69
C VAL A 5 -1.79 -9.73 -21.27
N GLN A 6 -0.60 -10.03 -20.82
CA GLN A 6 -0.21 -11.33 -20.31
C GLN A 6 -0.46 -11.41 -18.82
N SER A 7 -0.44 -12.61 -18.31
CA SER A 7 -0.69 -12.93 -16.90
C SER A 7 0.50 -12.50 -16.07
N GLY A 8 0.37 -12.53 -14.76
CA GLY A 8 1.43 -12.08 -13.86
C GLY A 8 2.57 -13.02 -13.76
N ALA A 9 3.71 -12.56 -13.25
CA ALA A 9 4.96 -13.32 -13.08
C ALA A 9 4.80 -14.46 -12.12
N GLU A 10 5.34 -15.65 -12.42
CA GLU A 10 5.15 -16.79 -11.50
C GLU A 10 6.47 -17.50 -11.18
N VAL A 11 6.68 -17.84 -9.91
CA VAL A 11 7.89 -18.58 -9.46
C VAL A 11 7.39 -19.99 -9.21
N LYS A 12 7.97 -20.95 -9.92
CA LYS A 12 7.59 -22.36 -9.92
C LYS A 12 8.78 -23.24 -9.54
N LYS A 13 8.58 -24.43 -9.02
CA LYS A 13 9.70 -25.31 -8.63
C LYS A 13 9.98 -26.29 -9.75
N PRO A 14 11.13 -26.93 -9.84
CA PRO A 14 11.34 -27.89 -10.89
C PRO A 14 10.37 -29.07 -10.85
N GLY A 15 9.88 -29.44 -12.01
CA GLY A 15 8.91 -30.51 -12.26
C GLY A 15 7.49 -30.02 -12.28
N ALA A 16 7.28 -28.75 -11.98
CA ALA A 16 6.00 -28.06 -11.92
C ALA A 16 5.58 -27.62 -13.31
N SER A 17 4.40 -27.01 -13.43
CA SER A 17 3.89 -26.59 -14.75
C SER A 17 3.31 -25.18 -14.66
N VAL A 18 3.55 -24.36 -15.69
CA VAL A 18 3.03 -22.97 -15.65
C VAL A 18 2.19 -22.72 -16.90
N LYS A 19 1.07 -22.06 -16.71
CA LYS A 19 0.20 -21.69 -17.84
C LYS A 19 0.17 -20.17 -17.89
N VAL A 20 0.62 -19.58 -18.99
CA VAL A 20 0.64 -18.10 -19.16
C VAL A 20 -0.47 -17.68 -20.11
N SER A 21 -1.07 -16.53 -19.90
CA SER A 21 -2.18 -16.07 -20.76
C SER A 21 -1.83 -14.77 -21.44
N CYS A 22 -2.29 -14.59 -22.68
CA CYS A 22 -2.16 -13.34 -23.47
C CYS A 22 -3.60 -13.03 -23.83
N LYS A 23 -4.17 -11.93 -23.36
CA LYS A 23 -5.50 -11.50 -23.81
C LYS A 23 -5.30 -10.35 -24.76
N THR A 24 -6.17 -10.25 -25.72
CA THR A 24 -6.02 -9.18 -26.72
C THR A 24 -7.28 -8.35 -26.81
N SER A 25 -7.21 -7.10 -26.33
CA SER A 25 -8.38 -6.18 -26.38
C SER A 25 -8.19 -5.15 -27.50
N GLY A 26 -9.28 -4.78 -28.17
CA GLY A 26 -9.22 -3.80 -29.27
C GLY A 26 -9.27 -4.47 -30.63
N TYR A 27 -9.01 -5.78 -30.67
CA TYR A 27 -9.04 -6.54 -31.95
C TYR A 27 -10.25 -7.46 -31.97
N THR A 28 -11.29 -7.09 -32.73
CA THR A 28 -12.53 -7.91 -32.84
C THR A 28 -12.53 -8.65 -34.18
N PHE A 29 -11.37 -9.12 -34.62
CA PHE A 29 -11.23 -9.86 -35.90
C PHE A 29 -11.18 -11.37 -35.62
N THR A 30 -11.77 -12.17 -36.52
CA THR A 30 -11.79 -13.65 -36.36
C THR A 30 -10.41 -14.21 -36.68
N ASN A 31 -9.52 -13.38 -37.23
CA ASN A 31 -8.16 -13.81 -37.59
C ASN A 31 -7.34 -13.24 -36.48
N TYR A 32 -6.97 -14.02 -35.48
CA TYR A 32 -6.15 -13.43 -34.40
C TYR A 32 -5.18 -14.51 -33.92
N GLY A 33 -4.10 -14.72 -34.64
CA GLY A 33 -3.08 -15.73 -34.28
C GLY A 33 -2.06 -15.16 -33.31
N ILE A 34 -1.70 -15.93 -32.28
CA ILE A 34 -0.71 -15.47 -31.26
C ILE A 34 0.53 -16.38 -31.34
N ASN A 35 1.72 -15.78 -31.27
CA ASN A 35 3.00 -16.53 -31.33
C ASN A 35 3.67 -16.49 -29.95
N TRP A 36 4.12 -17.64 -29.46
CA TRP A 36 4.78 -17.73 -28.12
C TRP A 36 6.30 -17.72 -28.29
N VAL A 37 6.99 -16.88 -27.51
CA VAL A 37 8.46 -16.77 -27.57
C VAL A 37 9.03 -16.58 -26.15
N ARG A 38 10.19 -17.13 -25.85
CA ARG A 38 10.73 -16.96 -24.51
C ARG A 38 12.14 -16.42 -24.60
N GLN A 39 12.53 -15.55 -23.71
CA GLN A 39 13.90 -15.03 -23.67
C GLN A 39 14.49 -15.35 -22.31
N ALA A 40 15.59 -16.08 -22.28
CA ALA A 40 16.34 -16.42 -21.08
C ALA A 40 17.06 -15.17 -20.58
N PRO A 41 17.51 -15.03 -19.33
CA PRO A 41 18.00 -13.77 -18.86
C PRO A 41 19.23 -13.24 -19.60
N GLY A 42 20.07 -14.10 -20.10
CA GLY A 42 21.20 -13.52 -20.80
C GLY A 42 21.09 -13.76 -22.27
N GLN A 43 20.30 -14.73 -22.63
CA GLN A 43 20.15 -15.15 -24.03
C GLN A 43 19.15 -14.26 -24.76
N GLY A 44 19.09 -14.44 -26.07
CA GLY A 44 18.15 -13.79 -27.00
C GLY A 44 16.86 -14.55 -27.05
N LEU A 45 16.03 -14.33 -28.05
CA LEU A 45 14.71 -14.99 -28.07
C LEU A 45 14.70 -16.27 -28.83
N GLU A 46 13.71 -17.08 -28.53
CA GLU A 46 13.49 -18.35 -29.19
C GLU A 46 12.01 -18.65 -29.15
N TRP A 47 11.53 -19.25 -30.21
CA TRP A 47 10.13 -19.60 -30.50
C TRP A 47 9.68 -20.81 -29.74
N ILE A 48 8.45 -20.77 -29.25
CA ILE A 48 7.85 -21.92 -28.56
C ILE A 48 6.80 -22.48 -29.49
N GLY A 49 5.89 -21.67 -29.95
CA GLY A 49 4.80 -22.23 -30.76
C GLY A 49 3.88 -21.17 -31.31
N TYR A 50 2.85 -21.56 -32.03
CA TYR A 50 1.88 -20.63 -32.64
C TYR A 50 0.49 -21.23 -32.59
N ILE A 51 -0.53 -20.41 -32.42
CA ILE A 51 -1.93 -20.89 -32.43
C ILE A 51 -2.79 -19.92 -33.20
N TYR A 52 -3.77 -20.38 -33.95
CA TYR A 52 -4.71 -19.49 -34.65
C TYR A 52 -6.02 -19.68 -33.92
N ILE A 53 -6.68 -18.59 -33.59
CA ILE A 53 -7.88 -18.53 -32.74
C ILE A 53 -9.10 -19.30 -33.29
N GLY A 54 -9.43 -19.22 -34.56
CA GLY A 54 -10.66 -19.91 -34.97
C GLY A 54 -10.44 -21.34 -35.43
N ALA A 55 -9.66 -21.55 -36.48
CA ALA A 55 -9.45 -22.92 -36.98
C ALA A 55 -8.76 -23.74 -35.89
N GLY A 56 -8.10 -23.08 -34.97
CA GLY A 56 -7.45 -23.77 -33.84
C GLY A 56 -6.19 -24.50 -34.19
N ASP A 57 -5.58 -24.22 -35.34
CA ASP A 57 -4.35 -24.97 -35.66
C ASP A 57 -3.18 -24.51 -34.81
N THR A 58 -2.58 -25.43 -34.08
CA THR A 58 -1.45 -25.17 -33.19
C THR A 58 -0.19 -25.76 -33.79
N ASP A 59 0.98 -25.22 -33.47
CA ASP A 59 2.28 -25.76 -33.93
C ASP A 59 3.38 -25.48 -32.94
N TYR A 60 4.18 -26.50 -32.60
CA TYR A 60 5.30 -26.33 -31.63
C TYR A 60 6.63 -26.53 -32.36
N SER A 61 7.74 -26.23 -31.67
CA SER A 61 9.10 -26.39 -32.26
C SER A 61 9.64 -27.78 -31.94
N GLU A 62 10.90 -28.04 -32.32
CA GLU A 62 11.54 -29.36 -32.07
C GLU A 62 12.03 -29.42 -30.62
N LYS A 63 12.40 -28.27 -30.06
CA LYS A 63 12.89 -28.19 -28.65
C LYS A 63 11.87 -28.87 -27.73
N PHE A 64 10.70 -28.24 -27.54
CA PHE A 64 9.64 -28.80 -26.67
C PHE A 64 8.91 -29.93 -27.42
N LYS A 65 8.79 -31.09 -26.78
CA LYS A 65 8.12 -32.27 -27.40
C LYS A 65 6.67 -32.33 -26.92
N GLY A 66 6.46 -32.65 -25.63
CA GLY A 66 5.12 -32.74 -25.04
C GLY A 66 4.95 -31.81 -23.85
N ARG A 67 5.94 -30.94 -23.61
CA ARG A 67 5.88 -29.98 -22.46
C ARG A 67 5.34 -28.64 -22.97
N ALA A 68 4.94 -28.58 -24.25
CA ALA A 68 4.40 -27.34 -24.85
C ALA A 68 2.99 -27.60 -25.39
N THR A 69 1.98 -26.98 -24.78
CA THR A 69 0.56 -27.14 -25.20
C THR A 69 -0.12 -25.78 -25.22
N ILE A 70 -0.44 -25.26 -26.41
CA ILE A 70 -1.08 -23.93 -26.54
C ILE A 70 -2.57 -24.08 -26.78
N THR A 71 -3.35 -23.34 -26.05
CA THR A 71 -4.81 -23.46 -26.11
C THR A 71 -5.44 -22.08 -26.27
N SER A 72 -6.72 -22.00 -26.57
CA SER A 72 -7.27 -20.64 -26.77
C SER A 72 -8.70 -20.58 -26.31
N ASP A 73 -9.16 -19.44 -25.83
CA ASP A 73 -10.57 -19.23 -25.47
C ASP A 73 -11.07 -18.14 -26.38
N THR A 74 -11.90 -18.43 -27.35
CA THR A 74 -12.39 -17.40 -28.29
C THR A 74 -13.29 -16.38 -27.61
N SER A 75 -14.08 -16.82 -26.65
CA SER A 75 -15.05 -15.96 -25.95
C SER A 75 -14.35 -14.87 -25.16
N ALA A 76 -13.29 -15.24 -24.47
CA ALA A 76 -12.58 -14.31 -23.59
C ALA A 76 -11.38 -13.76 -24.29
N SER A 77 -11.16 -14.20 -25.51
CA SER A 77 -10.10 -13.75 -26.43
C SER A 77 -8.74 -13.90 -25.80
N THR A 78 -8.57 -14.96 -25.04
CA THR A 78 -7.33 -15.26 -24.32
C THR A 78 -6.73 -16.49 -24.94
N VAL A 79 -5.45 -16.50 -25.00
CA VAL A 79 -4.63 -17.59 -25.55
C VAL A 79 -3.70 -18.00 -24.42
N TYR A 80 -3.50 -19.28 -24.23
CA TYR A 80 -2.72 -19.75 -23.07
C TYR A 80 -1.62 -20.67 -23.51
N MET A 81 -0.48 -20.54 -22.88
CA MET A 81 0.65 -21.41 -23.20
C MET A 81 0.96 -22.21 -21.97
N GLU A 82 0.92 -23.53 -22.04
CA GLU A 82 1.32 -24.25 -20.85
C GLU A 82 2.61 -25.00 -21.09
N LEU A 83 3.57 -24.82 -20.21
CA LEU A 83 4.85 -25.55 -20.29
C LEU A 83 4.91 -26.46 -19.08
N SER A 84 5.12 -27.73 -19.32
CA SER A 84 5.08 -28.77 -18.28
C SER A 84 6.46 -29.31 -18.01
N SER A 85 6.62 -29.99 -16.90
CA SER A 85 7.86 -30.67 -16.51
C SER A 85 9.00 -29.69 -16.62
N LEU A 86 8.84 -28.59 -15.92
CA LEU A 86 9.75 -27.44 -15.91
C LEU A 86 11.07 -27.84 -15.34
N ARG A 87 12.11 -27.21 -15.85
CA ARG A 87 13.50 -27.30 -15.35
C ARG A 87 13.98 -25.89 -15.06
N SER A 88 15.11 -25.79 -14.41
CA SER A 88 15.67 -24.48 -14.00
C SER A 88 16.09 -23.70 -15.22
N GLU A 89 16.22 -24.39 -16.33
CA GLU A 89 16.71 -23.91 -17.63
C GLU A 89 15.61 -23.18 -18.37
N ASP A 90 14.45 -23.24 -17.79
CA ASP A 90 13.20 -22.65 -18.33
C ASP A 90 12.97 -21.31 -17.69
N THR A 91 13.94 -20.79 -16.98
CA THR A 91 13.74 -19.48 -16.37
C THR A 91 13.92 -18.45 -17.49
N ALA A 92 12.85 -17.79 -17.87
CA ALA A 92 12.83 -16.77 -18.95
C ALA A 92 11.56 -15.95 -18.89
N VAL A 93 11.47 -14.92 -19.72
CA VAL A 93 10.28 -14.05 -19.91
C VAL A 93 9.63 -14.54 -21.18
N TYR A 94 8.39 -14.96 -21.08
CA TYR A 94 7.60 -15.50 -22.18
C TYR A 94 6.77 -14.38 -22.77
N TYR A 95 6.94 -14.08 -24.06
CA TYR A 95 6.18 -12.98 -24.71
C TYR A 95 5.13 -13.67 -25.59
N CYS A 96 4.07 -12.97 -25.94
CA CYS A 96 3.09 -13.40 -26.96
C CYS A 96 3.17 -12.39 -28.10
N ALA A 97 3.23 -12.80 -29.35
CA ALA A 97 3.25 -11.82 -30.44
C ALA A 97 1.82 -11.64 -30.97
N GLY A 98 1.58 -10.66 -31.83
CA GLY A 98 0.17 -10.38 -32.09
C GLY A 98 -0.26 -10.20 -33.48
N THR A 99 -1.57 -10.37 -33.64
CA THR A 99 -2.39 -10.20 -34.86
C THR A 99 -2.28 -11.38 -35.80
N GLY A 100 -1.09 -11.84 -36.14
CA GLY A 100 -1.04 -12.89 -37.13
C GLY A 100 0.35 -13.17 -37.61
N THR A 101 0.63 -12.88 -38.87
CA THR A 101 1.86 -13.27 -39.59
C THR A 101 3.01 -12.32 -39.31
N ARG A 102 2.67 -11.07 -39.14
CA ARG A 102 3.61 -10.01 -38.80
C ARG A 102 3.41 -9.80 -37.33
N PHE A 103 4.47 -9.63 -36.57
CA PHE A 103 4.40 -9.51 -35.10
C PHE A 103 4.21 -8.08 -34.68
N VAL A 104 3.13 -7.48 -35.12
CA VAL A 104 2.84 -6.06 -34.92
C VAL A 104 2.68 -5.73 -33.47
N TYR A 105 1.95 -6.52 -32.70
CA TYR A 105 1.72 -6.30 -31.26
C TYR A 105 2.37 -7.38 -30.43
N TRP A 106 2.85 -6.95 -29.29
CA TRP A 106 3.58 -7.77 -28.31
C TRP A 106 2.96 -7.61 -26.94
N GLY A 107 3.05 -8.62 -26.13
CA GLY A 107 2.60 -8.58 -24.75
C GLY A 107 3.68 -8.07 -23.84
N GLN A 108 3.38 -7.73 -22.61
CA GLN A 108 4.43 -7.16 -21.75
C GLN A 108 5.44 -8.19 -21.28
N GLY A 109 5.15 -9.46 -21.44
CA GLY A 109 6.07 -10.52 -21.11
C GLY A 109 5.79 -11.00 -19.75
N THR A 110 5.73 -12.28 -19.54
CA THR A 110 5.50 -12.74 -18.16
C THR A 110 6.75 -13.50 -17.72
N LEU A 111 7.36 -13.13 -16.60
CA LEU A 111 8.59 -13.81 -16.15
C LEU A 111 8.30 -15.03 -15.29
N VAL A 112 8.84 -16.16 -15.68
CA VAL A 112 8.64 -17.45 -15.01
C VAL A 112 9.97 -17.85 -14.43
N THR A 113 10.08 -18.06 -13.13
CA THR A 113 11.37 -18.44 -12.54
C THR A 113 11.29 -19.85 -11.98
N VAL A 114 12.07 -20.79 -12.50
CA VAL A 114 12.08 -22.17 -11.98
C VAL A 114 13.31 -22.33 -11.08
N SER A 115 13.11 -22.44 -9.79
CA SER A 115 14.18 -22.59 -8.78
C SER A 115 13.73 -23.61 -7.76
N SER A 116 14.66 -24.39 -7.26
CA SER A 116 14.37 -25.44 -6.28
C SER A 116 14.39 -24.89 -4.88
N ALA A 117 14.88 -23.67 -4.71
CA ALA A 117 14.96 -23.03 -3.37
C ALA A 117 13.55 -22.65 -2.90
N SER A 118 13.44 -22.10 -1.68
CA SER A 118 12.14 -21.69 -1.11
C SER A 118 12.21 -20.24 -0.62
N THR A 119 13.07 -19.99 0.38
CA THR A 119 13.24 -18.63 0.95
C THR A 119 14.53 -18.57 1.77
N LYS A 120 15.43 -17.63 1.43
CA LYS A 120 16.70 -17.48 2.14
C LYS A 120 17.00 -16.01 2.36
N GLY A 121 17.56 -15.70 3.51
CA GLY A 121 18.08 -14.37 3.84
C GLY A 121 19.44 -14.26 3.21
N PRO A 122 19.89 -13.10 2.74
CA PRO A 122 21.16 -13.07 2.11
C PRO A 122 22.28 -13.00 3.13
N SER A 123 23.46 -13.44 2.70
CA SER A 123 24.70 -13.35 3.47
C SER A 123 25.37 -12.13 2.88
N VAL A 124 25.49 -11.05 3.59
CA VAL A 124 26.11 -9.88 2.94
C VAL A 124 27.58 -9.87 3.29
N PHE A 125 28.44 -9.54 2.32
CA PHE A 125 29.92 -9.49 2.54
C PHE A 125 30.42 -8.06 2.36
N PRO A 126 31.12 -7.48 3.36
CA PRO A 126 31.63 -6.11 3.26
C PRO A 126 32.87 -6.02 2.35
N LEU A 127 32.83 -5.13 1.35
CA LEU A 127 33.96 -4.95 0.41
C LEU A 127 34.61 -3.59 0.65
N ALA A 128 35.81 -3.58 1.25
CA ALA A 128 36.53 -2.31 1.54
C ALA A 128 37.59 -2.06 0.46
N PRO A 129 38.13 -0.83 0.34
CA PRO A 129 39.15 -0.52 -0.67
C PRO A 129 40.41 -1.37 -0.51
N SER A 130 41.05 -1.72 -1.63
CA SER A 130 42.29 -2.54 -1.62
C SER A 130 43.52 -1.65 -1.47
N SER A 131 44.71 -2.26 -1.43
CA SER A 131 45.97 -1.50 -1.29
C SER A 131 46.27 -0.73 -2.58
N LYS A 132 45.28 -0.43 -3.39
CA LYS A 132 45.67 0.41 -4.54
C LYS A 132 44.47 1.31 -4.85
N SER A 133 43.75 1.72 -3.83
CA SER A 133 42.56 2.55 -4.12
C SER A 133 42.79 4.01 -3.75
N GLY A 137 41.81 10.21 -6.45
CA GLY A 137 41.64 10.43 -5.00
C GLY A 137 40.34 9.80 -4.55
N THR A 138 39.76 8.96 -5.39
CA THR A 138 38.46 8.31 -5.14
C THR A 138 38.67 6.88 -4.70
N ALA A 139 37.86 6.43 -3.76
CA ALA A 139 37.95 5.04 -3.33
C ALA A 139 36.56 4.44 -3.38
N ALA A 140 36.47 3.14 -3.66
CA ALA A 140 35.18 2.44 -3.81
C ALA A 140 34.94 1.42 -2.71
N LEU A 141 33.71 1.39 -2.19
CA LEU A 141 33.25 0.50 -1.10
C LEU A 141 32.10 -0.37 -1.59
N GLY A 142 32.01 -1.60 -1.13
CA GLY A 142 30.94 -2.53 -1.53
C GLY A 142 30.55 -3.38 -0.35
N CYS A 143 29.44 -4.06 -0.51
CA CYS A 143 28.80 -5.13 0.30
C CYS A 143 28.25 -6.03 -0.78
N LEU A 144 28.57 -7.31 -0.88
CA LEU A 144 27.88 -8.11 -1.92
C LEU A 144 26.75 -8.87 -1.26
N VAL A 145 25.57 -8.86 -1.81
CA VAL A 145 24.44 -9.58 -1.16
C VAL A 145 24.35 -10.98 -1.73
N LYS A 146 25.00 -11.97 -1.17
CA LYS A 146 24.99 -13.27 -1.83
C LYS A 146 23.93 -14.20 -1.29
N ASP A 147 23.42 -15.08 -2.15
CA ASP A 147 22.47 -16.17 -1.88
C ASP A 147 21.14 -15.80 -1.25
N TYR A 148 20.21 -15.26 -2.04
CA TYR A 148 18.87 -14.84 -1.53
C TYR A 148 17.79 -15.26 -2.53
N PHE A 149 16.67 -15.79 -2.02
CA PHE A 149 15.55 -16.22 -2.89
C PHE A 149 14.22 -16.01 -2.14
N PRO A 150 13.16 -15.48 -2.81
CA PRO A 150 13.31 -14.75 -4.07
C PRO A 150 13.59 -13.26 -3.85
N GLU A 151 13.49 -12.47 -4.92
CA GLU A 151 13.72 -11.00 -4.85
C GLU A 151 12.43 -10.30 -4.43
N PRO A 152 12.45 -8.98 -4.11
CA PRO A 152 13.66 -8.21 -4.18
C PRO A 152 14.45 -7.93 -2.90
N VAL A 153 15.53 -7.20 -3.05
CA VAL A 153 16.42 -6.77 -1.95
C VAL A 153 16.65 -5.30 -2.17
N THR A 154 16.55 -4.47 -1.15
CA THR A 154 16.79 -3.04 -1.33
C THR A 154 18.05 -2.72 -0.57
N VAL A 155 19.02 -2.06 -1.18
CA VAL A 155 20.30 -1.71 -0.52
C VAL A 155 20.46 -0.21 -0.51
N SER A 156 20.75 0.34 0.66
CA SER A 156 21.01 1.77 0.88
C SER A 156 22.30 1.93 1.63
N TRP A 157 22.92 3.10 1.55
CA TRP A 157 24.19 3.33 2.26
C TRP A 157 23.96 4.45 3.26
N ASN A 158 24.40 4.25 4.48
CA ASN A 158 24.28 5.22 5.60
C ASN A 158 22.83 5.57 5.79
N SER A 159 22.00 4.54 5.73
CA SER A 159 20.53 4.61 5.93
C SER A 159 19.92 5.57 4.93
N GLY A 160 20.40 5.56 3.70
CA GLY A 160 19.84 6.44 2.66
C GLY A 160 20.36 7.86 2.73
N ALA A 161 21.28 8.15 3.64
CA ALA A 161 21.91 9.47 3.74
C ALA A 161 22.82 9.69 2.53
N LEU A 162 23.54 8.66 2.15
CA LEU A 162 24.54 8.73 1.07
C LEU A 162 23.91 8.20 -0.21
N THR A 163 23.79 9.05 -1.22
CA THR A 163 23.20 8.64 -2.51
C THR A 163 24.16 8.84 -3.68
N SER A 164 25.03 9.81 -3.62
CA SER A 164 25.88 10.05 -4.79
C SER A 164 26.94 8.98 -4.95
N GLY A 165 26.99 8.36 -6.11
CA GLY A 165 28.06 7.41 -6.41
C GLY A 165 27.72 6.01 -6.00
N VAL A 166 26.52 5.84 -5.51
CA VAL A 166 26.12 4.51 -5.06
C VAL A 166 25.41 3.88 -6.23
N HIS A 167 25.93 2.76 -6.71
CA HIS A 167 25.28 2.02 -7.81
C HIS A 167 25.00 0.60 -7.36
N THR A 168 23.75 0.16 -7.43
CA THR A 168 23.37 -1.21 -7.10
C THR A 168 23.01 -1.84 -8.43
N PHE A 169 23.73 -2.89 -8.80
CA PHE A 169 23.65 -3.64 -10.06
C PHE A 169 22.53 -4.67 -10.04
N PRO A 170 21.95 -5.00 -11.20
CA PRO A 170 20.94 -6.00 -11.24
C PRO A 170 21.34 -7.39 -10.72
N ALA A 171 20.42 -8.04 -10.03
CA ALA A 171 20.60 -9.35 -9.40
C ALA A 171 20.76 -10.44 -10.43
N VAL A 172 21.48 -11.50 -10.12
CA VAL A 172 21.67 -12.60 -11.09
C VAL A 172 21.24 -13.88 -10.42
N LEU A 173 20.40 -14.67 -11.06
CA LEU A 173 20.03 -15.95 -10.46
C LEU A 173 21.14 -16.91 -10.78
N GLN A 174 21.64 -17.55 -9.76
CA GLN A 174 22.72 -18.52 -9.91
C GLN A 174 22.16 -19.87 -10.31
N SER A 175 23.04 -20.82 -10.56
CA SER A 175 22.72 -22.21 -10.95
C SER A 175 22.01 -22.91 -9.80
N SER A 176 22.36 -22.55 -8.59
CA SER A 176 21.80 -23.09 -7.34
C SER A 176 20.34 -22.75 -7.26
N GLY A 177 19.97 -21.63 -7.83
CA GLY A 177 18.58 -21.17 -7.73
C GLY A 177 18.48 -20.02 -6.78
N LEU A 178 19.60 -19.38 -6.52
CA LEU A 178 19.61 -18.26 -5.57
C LEU A 178 20.10 -17.01 -6.25
N TYR A 179 19.60 -15.88 -5.82
CA TYR A 179 19.99 -14.58 -6.35
C TYR A 179 21.21 -14.06 -5.61
N SER A 180 22.06 -13.33 -6.28
CA SER A 180 23.22 -12.65 -5.67
C SER A 180 23.21 -11.23 -6.19
N LEU A 181 23.71 -10.29 -5.42
CA LEU A 181 23.63 -8.88 -5.82
C LEU A 181 24.86 -8.11 -5.36
N SER A 182 25.22 -7.01 -5.98
CA SER A 182 26.33 -6.21 -5.45
C SER A 182 25.97 -4.74 -5.46
N SER A 183 26.36 -4.02 -4.43
CA SER A 183 26.15 -2.56 -4.27
C SER A 183 27.49 -1.92 -4.03
N VAL A 184 27.86 -0.96 -4.86
CA VAL A 184 29.16 -0.30 -4.67
C VAL A 184 28.91 1.20 -4.51
N VAL A 185 29.80 1.88 -3.80
CA VAL A 185 29.68 3.34 -3.63
C VAL A 185 31.08 3.95 -3.81
N THR A 186 31.22 4.97 -4.62
CA THR A 186 32.55 5.61 -4.77
C THR A 186 32.56 6.82 -3.87
N VAL A 187 33.56 6.94 -3.00
CA VAL A 187 33.63 8.09 -2.06
C VAL A 187 35.04 8.64 -2.08
N PRO A 188 35.16 9.94 -1.86
CA PRO A 188 36.41 10.61 -1.67
C PRO A 188 37.20 9.82 -0.66
N SER A 189 38.45 9.55 -0.98
CA SER A 189 39.35 8.73 -0.14
C SER A 189 39.79 9.46 1.13
N SER A 190 39.71 10.78 1.18
CA SER A 190 40.14 11.56 2.35
C SER A 190 39.26 11.26 3.55
N SER A 191 38.00 11.02 3.26
CA SER A 191 36.88 10.72 4.17
C SER A 191 37.01 9.35 4.78
N LEU A 192 37.83 8.51 4.19
CA LEU A 192 37.76 7.10 4.59
C LEU A 192 37.98 6.91 6.08
N GLY A 193 38.98 7.52 6.69
CA GLY A 193 39.17 7.30 8.13
C GLY A 193 38.08 7.84 9.02
N THR A 194 37.75 9.11 8.86
CA THR A 194 36.71 9.79 9.66
C THR A 194 35.27 9.40 9.33
N GLN A 195 34.86 9.37 8.07
CA GLN A 195 33.46 9.01 7.75
C GLN A 195 33.28 7.51 7.82
N THR A 196 32.23 7.04 8.50
CA THR A 196 31.97 5.60 8.67
C THR A 196 30.84 5.25 7.72
N TYR A 197 30.90 4.12 7.04
CA TYR A 197 29.90 3.74 6.02
C TYR A 197 29.32 2.37 6.30
N ILE A 198 28.00 2.21 6.23
CA ILE A 198 27.34 0.89 6.41
C ILE A 198 26.38 0.57 5.27
N CYS A 199 26.45 -0.65 4.72
CA CYS A 199 25.51 -1.11 3.68
C CYS A 199 24.31 -1.74 4.32
N ASN A 200 23.17 -1.10 4.21
CA ASN A 200 21.90 -1.54 4.78
C ASN A 200 21.14 -2.39 3.78
N VAL A 201 21.11 -3.69 3.96
CA VAL A 201 20.45 -4.62 3.03
C VAL A 201 19.15 -5.07 3.67
N ASN A 202 18.06 -5.03 2.93
CA ASN A 202 16.73 -5.41 3.42
C ASN A 202 16.18 -6.50 2.52
N HIS A 203 15.83 -7.67 3.04
CA HIS A 203 15.16 -8.72 2.23
C HIS A 203 13.84 -8.96 2.92
N LYS A 204 12.82 -8.23 2.51
CA LYS A 204 11.47 -8.18 3.09
C LYS A 204 10.81 -9.54 3.05
N PRO A 205 11.02 -10.34 2.03
CA PRO A 205 10.48 -11.66 1.99
C PRO A 205 10.94 -12.53 3.15
N SER A 206 12.08 -12.23 3.72
CA SER A 206 12.56 -13.10 4.82
C SER A 206 12.54 -12.35 6.13
N ASN A 207 12.22 -11.09 6.06
CA ASN A 207 12.04 -10.19 7.22
C ASN A 207 13.36 -9.82 7.84
N THR A 208 14.45 -10.11 7.14
CA THR A 208 15.82 -9.91 7.65
C THR A 208 16.38 -8.63 7.05
N LYS A 209 16.89 -7.73 7.86
CA LYS A 209 17.56 -6.51 7.41
C LYS A 209 18.97 -6.50 8.01
N VAL A 210 20.00 -6.67 7.20
CA VAL A 210 21.39 -6.70 7.73
C VAL A 210 22.10 -5.38 7.47
N ASP A 211 22.82 -4.88 8.45
CA ASP A 211 23.57 -3.64 8.24
C ASP A 211 25.01 -3.95 8.53
N LYS A 212 25.82 -4.01 7.49
CA LYS A 212 27.24 -4.31 7.63
C LYS A 212 27.98 -3.01 7.46
N LYS A 213 28.95 -2.80 8.31
CA LYS A 213 29.78 -1.60 8.28
C LYS A 213 30.99 -1.95 7.45
N VAL A 214 31.43 -1.02 6.60
CA VAL A 214 32.61 -1.32 5.76
C VAL A 214 33.79 -0.49 6.24
N GLU A 215 34.88 -1.16 6.51
CA GLU A 215 36.07 -0.43 6.95
C GLU A 215 37.28 -1.35 6.77
N PRO A 216 38.49 -0.80 6.63
CA PRO A 216 39.69 -1.58 6.53
C PRO A 216 40.40 -1.52 7.89
N VAL B 2 18.40 -24.79 -40.05
CA VAL B 2 18.46 -23.37 -40.47
C VAL B 2 18.78 -22.54 -39.24
N GLN B 3 19.62 -21.56 -39.39
CA GLN B 3 19.98 -20.62 -38.32
C GLN B 3 20.12 -19.27 -38.98
N LEU B 4 19.68 -18.23 -38.26
CA LEU B 4 19.72 -16.84 -38.75
C LEU B 4 20.84 -16.20 -37.99
N VAL B 5 21.81 -15.69 -38.72
CA VAL B 5 23.01 -15.03 -38.16
C VAL B 5 22.93 -13.55 -38.49
N GLN B 6 22.91 -12.74 -37.45
CA GLN B 6 22.79 -11.29 -37.59
C GLN B 6 24.17 -10.67 -37.54
N SER B 7 24.24 -9.44 -37.97
CA SER B 7 25.47 -8.65 -38.09
C SER B 7 26.03 -8.31 -36.73
N GLY B 8 27.19 -7.70 -36.68
CA GLY B 8 27.83 -7.40 -35.41
C GLY B 8 27.28 -6.19 -34.75
N ALA B 9 27.62 -5.96 -33.50
CA ALA B 9 27.12 -4.85 -32.70
C ALA B 9 27.66 -3.53 -33.20
N GLU B 10 26.86 -2.49 -33.12
CA GLU B 10 27.23 -1.16 -33.61
C GLU B 10 27.02 -0.07 -32.57
N VAL B 11 27.87 0.91 -32.62
CA VAL B 11 27.79 2.12 -31.77
C VAL B 11 27.80 3.30 -32.73
N LYS B 12 26.75 4.10 -32.69
CA LYS B 12 26.59 5.25 -33.60
C LYS B 12 26.25 6.49 -32.84
N LYS B 13 26.45 7.63 -33.47
CA LYS B 13 26.21 8.94 -32.84
C LYS B 13 24.87 9.48 -33.29
N PRO B 14 24.15 10.28 -32.51
CA PRO B 14 22.88 10.69 -32.96
C PRO B 14 22.83 11.38 -34.33
N GLY B 15 21.90 10.93 -35.15
CA GLY B 15 21.66 11.45 -36.50
C GLY B 15 22.24 10.61 -37.57
N ALA B 16 22.89 9.53 -37.20
CA ALA B 16 23.56 8.59 -38.11
C ALA B 16 22.60 7.55 -38.66
N SER B 17 23.11 6.61 -39.43
CA SER B 17 22.30 5.52 -40.04
C SER B 17 23.00 4.21 -39.77
N VAL B 18 22.26 3.17 -39.50
CA VAL B 18 22.86 1.83 -39.24
C VAL B 18 22.13 0.81 -40.08
N LYS B 19 22.85 -0.10 -40.72
CA LYS B 19 22.26 -1.19 -41.51
C LYS B 19 22.65 -2.53 -40.90
N VAL B 20 21.69 -3.22 -40.32
CA VAL B 20 21.82 -4.57 -39.71
C VAL B 20 21.41 -5.64 -40.69
N SER B 21 22.05 -6.78 -40.61
CA SER B 21 21.81 -7.85 -41.59
C SER B 21 21.49 -9.16 -40.86
N CYS B 22 20.79 -10.07 -41.54
CA CYS B 22 20.50 -11.45 -41.08
C CYS B 22 20.94 -12.38 -42.20
N LYS B 23 22.10 -13.03 -42.07
CA LYS B 23 22.52 -14.08 -43.02
C LYS B 23 21.72 -15.32 -42.62
N THR B 24 21.53 -16.24 -43.51
CA THR B 24 20.79 -17.43 -43.12
C THR B 24 21.55 -18.68 -43.59
N SER B 25 21.21 -19.85 -43.05
CA SER B 25 21.82 -21.13 -43.49
C SER B 25 21.25 -21.52 -44.85
N THR B 28 18.54 -20.27 -48.59
CA THR B 28 18.12 -18.87 -48.77
C THR B 28 16.83 -18.59 -48.03
N PHE B 29 16.43 -17.33 -48.05
CA PHE B 29 15.24 -16.80 -47.34
C PHE B 29 14.10 -16.67 -48.32
N THR B 30 14.17 -17.31 -49.47
CA THR B 30 13.07 -17.12 -50.43
C THR B 30 11.87 -17.83 -49.87
N ASN B 31 10.75 -17.14 -49.89
CA ASN B 31 9.42 -17.49 -49.34
C ASN B 31 9.42 -17.60 -47.83
N TYR B 32 10.14 -16.73 -47.13
CA TYR B 32 10.23 -16.88 -45.66
C TYR B 32 9.41 -15.87 -44.88
N GLY B 33 9.54 -14.58 -45.10
CA GLY B 33 8.78 -13.66 -44.25
C GLY B 33 9.59 -13.21 -43.05
N ILE B 34 10.43 -12.22 -43.18
CA ILE B 34 11.31 -11.82 -42.05
C ILE B 34 10.77 -10.58 -41.35
N ASN B 35 10.61 -10.66 -40.04
CA ASN B 35 10.12 -9.52 -39.25
C ASN B 35 11.27 -8.89 -38.53
N TRP B 36 11.23 -7.59 -38.37
CA TRP B 36 12.28 -6.88 -37.62
C TRP B 36 11.68 -6.31 -36.36
N VAL B 37 12.29 -6.65 -35.26
CA VAL B 37 11.82 -6.28 -33.92
C VAL B 37 13.00 -5.77 -33.13
N ARG B 38 12.80 -4.79 -32.27
CA ARG B 38 13.87 -4.21 -31.44
C ARG B 38 13.45 -4.23 -30.00
N GLN B 39 14.39 -4.51 -29.13
CA GLN B 39 14.11 -4.46 -27.71
C GLN B 39 15.05 -3.49 -27.06
N ALA B 40 14.51 -2.44 -26.45
CA ALA B 40 15.25 -1.43 -25.68
C ALA B 40 15.81 -2.06 -24.43
N PRO B 41 16.76 -1.54 -23.64
CA PRO B 41 17.28 -2.32 -22.55
C PRO B 41 16.45 -2.51 -21.30
N GLY B 42 16.06 -3.76 -21.09
CA GLY B 42 15.24 -4.29 -20.00
C GLY B 42 13.77 -4.23 -20.30
N GLN B 43 13.46 -3.47 -21.31
CA GLN B 43 12.14 -3.11 -21.84
C GLN B 43 11.57 -4.21 -22.71
N GLY B 44 10.35 -4.02 -23.17
CA GLY B 44 9.62 -4.94 -24.03
C GLY B 44 9.96 -4.78 -25.48
N LEU B 45 9.44 -5.66 -26.30
CA LEU B 45 9.65 -5.72 -27.76
C LEU B 45 8.80 -4.75 -28.53
N GLU B 46 9.31 -4.34 -29.68
CA GLU B 46 8.71 -3.39 -30.61
C GLU B 46 9.07 -3.81 -32.03
N TRP B 47 8.08 -3.86 -32.91
CA TRP B 47 8.13 -4.23 -34.33
C TRP B 47 8.50 -3.09 -35.22
N ILE B 48 9.43 -3.30 -36.14
CA ILE B 48 9.80 -2.25 -37.11
C ILE B 48 9.16 -2.57 -38.45
N GLY B 49 9.30 -3.77 -38.89
CA GLY B 49 8.71 -4.05 -40.18
C GLY B 49 8.76 -5.52 -40.52
N TYR B 50 8.28 -5.83 -41.71
CA TYR B 50 8.23 -7.19 -42.24
C TYR B 50 8.42 -7.16 -43.73
N ILE B 51 9.10 -8.17 -44.26
CA ILE B 51 9.28 -8.38 -45.71
C ILE B 51 9.14 -9.86 -45.99
N TYR B 52 8.35 -10.24 -46.99
CA TYR B 52 8.18 -11.64 -47.47
C TYR B 52 8.87 -11.77 -48.80
N ILE B 53 9.66 -12.79 -49.05
CA ILE B 53 10.37 -12.77 -50.35
C ILE B 53 9.45 -12.95 -51.56
N GLY B 54 8.68 -14.01 -51.57
CA GLY B 54 7.81 -14.24 -52.74
C GLY B 54 6.75 -13.19 -52.95
N ALA B 55 5.94 -12.95 -51.91
CA ALA B 55 4.86 -11.94 -51.93
C ALA B 55 5.52 -10.61 -52.13
N GLY B 56 6.73 -10.48 -51.60
CA GLY B 56 7.60 -9.29 -51.73
C GLY B 56 6.99 -8.07 -51.10
N ASP B 57 5.98 -8.23 -50.26
CA ASP B 57 5.37 -7.02 -49.64
C ASP B 57 6.16 -6.61 -48.41
N THR B 58 6.70 -5.39 -48.41
CA THR B 58 7.40 -4.87 -47.23
C THR B 58 6.40 -4.06 -46.46
N ASP B 59 6.36 -4.22 -45.17
CA ASP B 59 5.38 -3.51 -44.33
C ASP B 59 6.13 -2.79 -43.25
N TYR B 60 5.71 -1.61 -42.87
CA TYR B 60 6.44 -0.95 -41.80
C TYR B 60 5.48 -0.46 -40.74
N SER B 61 6.05 -0.17 -39.60
CA SER B 61 5.39 0.42 -38.44
C SER B 61 5.32 1.91 -38.68
N GLU B 62 4.25 2.56 -38.27
CA GLU B 62 4.07 4.00 -38.47
C GLU B 62 5.17 4.74 -37.73
N LYS B 63 5.66 4.16 -36.66
CA LYS B 63 6.76 4.77 -35.92
C LYS B 63 8.00 4.81 -36.78
N PHE B 64 8.25 3.81 -37.60
CA PHE B 64 9.51 3.75 -38.35
C PHE B 64 9.34 3.81 -39.84
N LYS B 65 8.18 4.17 -40.36
CA LYS B 65 7.87 4.11 -41.80
C LYS B 65 8.79 4.97 -42.65
N GLY B 66 9.24 6.09 -42.10
CA GLY B 66 10.15 6.95 -42.86
C GLY B 66 11.59 6.60 -42.65
N ARG B 67 12.05 6.54 -41.40
CA ARG B 67 13.43 6.25 -40.98
C ARG B 67 13.90 4.85 -41.29
N ALA B 68 13.02 3.85 -41.30
CA ALA B 68 13.43 2.45 -41.51
C ALA B 68 13.15 1.92 -42.90
N THR B 69 14.08 1.14 -43.42
CA THR B 69 13.92 0.51 -44.73
C THR B 69 14.41 -0.93 -44.72
N ILE B 70 13.61 -1.89 -45.15
CA ILE B 70 14.04 -3.31 -45.11
C ILE B 70 14.27 -3.79 -46.53
N THR B 71 15.40 -4.44 -46.79
CA THR B 71 15.72 -4.92 -48.14
C THR B 71 16.27 -6.33 -48.09
N SER B 72 16.25 -7.02 -49.22
CA SER B 72 16.80 -8.38 -49.29
C SER B 72 17.90 -8.40 -50.32
N ASP B 73 18.95 -9.18 -50.05
CA ASP B 73 20.11 -9.28 -50.98
C ASP B 73 19.64 -9.78 -52.34
N THR B 74 20.29 -9.34 -53.42
CA THR B 74 19.93 -9.75 -54.80
C THR B 74 20.36 -11.21 -55.02
N SER B 75 21.66 -11.50 -54.85
CA SER B 75 22.20 -12.87 -55.04
C SER B 75 22.11 -13.64 -53.72
N ALA B 76 22.17 -14.97 -53.80
CA ALA B 76 22.09 -15.84 -52.60
C ALA B 76 20.87 -15.44 -51.76
N SER B 77 21.11 -15.08 -50.49
CA SER B 77 20.01 -14.66 -49.57
C SER B 77 20.59 -13.91 -48.37
N THR B 78 20.00 -12.76 -48.03
CA THR B 78 20.46 -11.95 -46.88
C THR B 78 19.38 -10.88 -46.69
N VAL B 79 19.02 -10.53 -45.46
CA VAL B 79 17.95 -9.52 -45.25
C VAL B 79 18.57 -8.35 -44.51
N TYR B 80 18.16 -7.12 -44.79
CA TYR B 80 18.81 -5.98 -44.09
C TYR B 80 17.81 -5.00 -43.54
N MET B 81 18.13 -4.37 -42.42
CA MET B 81 17.28 -3.31 -41.87
C MET B 81 18.16 -2.10 -41.73
N GLU B 82 17.86 -1.01 -42.38
CA GLU B 82 18.65 0.21 -42.18
C GLU B 82 17.76 1.24 -41.55
N LEU B 83 18.17 1.83 -40.44
CA LEU B 83 17.37 2.87 -39.76
C LEU B 83 18.17 4.18 -39.75
N SER B 84 17.62 5.23 -40.31
CA SER B 84 18.19 6.59 -40.45
C SER B 84 17.86 7.48 -39.28
N SER B 85 18.52 8.62 -39.24
CA SER B 85 18.30 9.68 -38.25
C SER B 85 18.19 9.10 -36.87
N LEU B 86 19.25 8.46 -36.41
CA LEU B 86 19.33 7.80 -35.11
C LEU B 86 19.21 8.80 -34.00
N ARG B 87 18.61 8.36 -32.92
CA ARG B 87 18.36 9.08 -31.67
C ARG B 87 18.80 8.19 -30.52
N SER B 88 18.93 8.77 -29.35
CA SER B 88 19.37 8.07 -28.13
C SER B 88 18.41 6.94 -27.87
N GLU B 89 17.15 7.18 -28.18
CA GLU B 89 15.96 6.38 -27.87
C GLU B 89 15.87 5.15 -28.74
N ASP B 90 16.75 5.08 -29.71
CA ASP B 90 16.79 3.98 -30.69
C ASP B 90 17.72 2.91 -30.21
N THR B 91 18.32 3.07 -29.06
CA THR B 91 19.29 2.14 -28.46
C THR B 91 18.53 0.91 -27.97
N ALA B 92 18.72 -0.16 -28.68
CA ALA B 92 18.07 -1.45 -28.43
C ALA B 92 18.76 -2.52 -29.22
N VAL B 93 18.36 -3.76 -28.98
CA VAL B 93 18.85 -4.96 -29.68
C VAL B 93 17.87 -5.29 -30.78
N TYR B 94 18.33 -5.26 -32.01
CA TYR B 94 17.54 -5.52 -33.21
C TYR B 94 17.52 -7.02 -33.46
N TYR B 95 16.35 -7.58 -33.66
CA TYR B 95 16.20 -9.05 -33.83
C TYR B 95 15.52 -9.40 -35.14
N CYS B 96 16.09 -10.30 -35.89
CA CYS B 96 15.35 -10.77 -37.08
C CYS B 96 14.67 -12.09 -36.84
N ALA B 97 13.43 -12.25 -37.33
CA ALA B 97 12.67 -13.50 -37.11
C ALA B 97 12.14 -14.01 -38.46
N GLY B 98 12.55 -15.21 -38.85
CA GLY B 98 12.13 -15.81 -40.13
C GLY B 98 11.12 -16.94 -39.91
N THR B 99 9.91 -16.79 -40.47
CA THR B 99 8.85 -17.82 -40.32
C THR B 99 9.31 -19.14 -40.96
N GLY B 100 9.39 -19.17 -42.29
CA GLY B 100 9.82 -20.38 -43.01
C GLY B 100 8.71 -21.41 -43.09
N THR B 101 9.08 -22.70 -42.98
CA THR B 101 8.08 -23.80 -43.04
C THR B 101 7.77 -24.30 -41.62
N ARG B 102 6.60 -23.95 -41.09
CA ARG B 102 6.20 -24.36 -39.73
C ARG B 102 7.24 -24.29 -38.60
N PHE B 103 8.18 -23.36 -38.66
CA PHE B 103 9.07 -23.04 -37.52
C PHE B 103 9.48 -21.60 -37.70
N VAL B 104 9.46 -20.80 -36.67
CA VAL B 104 9.91 -19.39 -36.79
C VAL B 104 11.26 -19.27 -36.10
N TYR B 105 12.31 -19.11 -36.90
CA TYR B 105 13.72 -19.01 -36.43
C TYR B 105 14.10 -17.56 -36.14
N TRP B 106 14.77 -17.34 -35.01
CA TRP B 106 15.19 -16.03 -34.51
C TRP B 106 16.67 -15.89 -34.69
N GLY B 107 17.09 -14.67 -34.99
CA GLY B 107 18.49 -14.24 -35.08
C GLY B 107 19.05 -14.01 -33.71
N GLN B 108 20.35 -13.96 -33.53
CA GLN B 108 20.88 -13.76 -32.17
C GLN B 108 20.53 -12.39 -31.65
N GLY B 109 20.48 -11.41 -32.53
CA GLY B 109 20.21 -10.00 -32.24
C GLY B 109 21.45 -9.21 -32.34
N THR B 110 21.34 -7.94 -32.69
CA THR B 110 22.49 -7.01 -32.79
C THR B 110 22.33 -5.83 -31.84
N LEU B 111 23.31 -5.47 -31.03
CA LEU B 111 23.12 -4.27 -30.18
C LEU B 111 23.52 -2.99 -30.93
N VAL B 112 22.62 -2.04 -31.07
CA VAL B 112 22.95 -0.72 -31.68
C VAL B 112 22.89 0.31 -30.56
N THR B 113 24.02 0.93 -30.22
CA THR B 113 24.10 1.90 -29.11
C THR B 113 24.14 3.28 -29.73
N VAL B 114 23.25 4.19 -29.36
CA VAL B 114 23.29 5.56 -29.95
C VAL B 114 23.51 6.59 -28.86
N SER B 115 24.71 7.12 -28.76
CA SER B 115 25.02 8.13 -27.74
C SER B 115 25.87 9.19 -28.36
N SER B 116 25.72 10.40 -27.86
CA SER B 116 26.54 11.58 -28.20
C SER B 116 27.93 11.40 -27.60
N ALA B 117 27.95 10.50 -26.66
CA ALA B 117 29.10 10.15 -25.83
C ALA B 117 30.14 9.46 -26.66
N SER B 118 31.34 9.65 -26.17
CA SER B 118 32.64 9.32 -26.78
C SER B 118 33.36 8.30 -25.92
N THR B 119 34.05 7.41 -26.58
CA THR B 119 34.68 6.20 -26.05
C THR B 119 35.57 6.50 -24.85
N LYS B 120 35.34 5.78 -23.76
CA LYS B 120 36.17 5.92 -22.56
C LYS B 120 36.53 4.53 -22.11
N GLY B 121 37.76 4.34 -21.68
CA GLY B 121 38.17 3.07 -21.13
C GLY B 121 37.74 3.00 -19.69
N PRO B 122 37.62 1.81 -19.10
CA PRO B 122 37.15 1.74 -17.77
C PRO B 122 38.23 2.13 -16.78
N SER B 123 37.80 2.63 -15.63
CA SER B 123 38.69 2.90 -14.51
C SER B 123 38.40 1.74 -13.60
N VAL B 124 39.26 0.75 -13.49
CA VAL B 124 38.89 -0.37 -12.60
C VAL B 124 39.38 -0.15 -11.18
N PRO B 126 39.94 -1.75 -7.41
CA PRO B 126 40.00 -3.04 -6.71
C PRO B 126 39.21 -3.01 -5.40
N LEU B 127 38.59 -4.14 -5.05
CA LEU B 127 37.79 -4.25 -3.80
C LEU B 127 38.27 -5.47 -3.00
N ALA B 128 38.74 -5.25 -1.77
CA ALA B 128 39.23 -6.34 -0.90
C ALA B 128 38.32 -6.48 0.32
N PRO B 129 38.33 -7.63 1.03
CA PRO B 129 37.49 -7.82 2.21
C PRO B 129 37.64 -6.67 3.21
N THR B 138 34.71 -17.93 4.34
CA THR B 138 35.16 -17.58 2.97
C THR B 138 35.00 -16.07 2.74
N ALA B 139 35.95 -15.46 2.04
CA ALA B 139 35.91 -14.00 1.75
C ALA B 139 35.22 -13.76 0.40
N ALA B 140 35.17 -12.50 -0.04
CA ALA B 140 34.54 -12.14 -1.33
C ALA B 140 35.33 -11.01 -2.00
N LEU B 141 35.91 -11.28 -3.18
CA LEU B 141 36.70 -10.27 -3.92
C LEU B 141 35.99 -9.95 -5.24
N GLY B 142 36.37 -8.83 -5.88
CA GLY B 142 35.77 -8.42 -7.17
C GLY B 142 36.36 -7.04 -7.33
N CYS B 143 36.34 -6.51 -8.55
CA CYS B 143 36.77 -5.11 -8.82
C CYS B 143 35.61 -4.44 -9.56
N LEU B 144 35.27 -3.20 -9.21
CA LEU B 144 34.09 -2.52 -9.79
C LEU B 144 34.53 -1.56 -10.91
N VAL B 145 33.97 -1.74 -12.11
CA VAL B 145 34.32 -0.87 -13.28
C VAL B 145 33.60 0.47 -13.13
N LYS B 146 34.26 1.57 -13.51
CA LYS B 146 33.66 2.93 -13.41
C LYS B 146 33.05 3.32 -14.76
N ASP B 147 32.80 4.60 -14.97
CA ASP B 147 32.19 5.10 -16.24
C ASP B 147 33.04 4.63 -17.42
N TYR B 148 32.40 4.06 -18.45
CA TYR B 148 33.11 3.57 -19.66
C TYR B 148 32.13 3.46 -20.82
N PHE B 149 32.53 3.92 -22.01
CA PHE B 149 31.68 3.87 -23.20
C PHE B 149 32.47 3.17 -24.28
N PRO B 150 31.93 2.38 -25.20
CA PRO B 150 30.65 1.72 -25.11
C PRO B 150 30.44 0.43 -24.29
N GLU B 151 29.49 -0.41 -24.64
CA GLU B 151 29.05 -1.36 -23.60
C GLU B 151 29.74 -2.74 -23.51
N PRO B 152 30.33 -3.32 -24.54
CA PRO B 152 30.81 -4.67 -24.33
C PRO B 152 32.04 -4.73 -23.40
N VAL B 153 31.91 -5.11 -22.14
CA VAL B 153 33.15 -5.25 -21.32
C VAL B 153 33.26 -6.69 -20.84
N THR B 154 34.43 -7.29 -20.89
CA THR B 154 34.54 -8.72 -20.50
C THR B 154 35.48 -8.88 -19.30
N VAL B 155 34.95 -9.29 -18.16
CA VAL B 155 35.79 -9.48 -16.95
C VAL B 155 36.03 -10.94 -16.62
N SER B 156 37.26 -11.25 -16.27
CA SER B 156 37.70 -12.60 -15.87
C SER B 156 38.68 -12.48 -14.71
N TRP B 157 38.88 -13.53 -13.94
CA TRP B 157 39.83 -13.47 -12.81
C TRP B 157 40.92 -14.46 -13.09
N ASN B 158 42.17 -14.05 -12.96
CA ASN B 158 43.38 -14.88 -13.19
C ASN B 158 43.43 -15.40 -14.61
N SER B 159 42.96 -14.61 -15.55
CA SER B 159 42.98 -14.94 -16.99
C SER B 159 42.19 -16.19 -17.34
N GLY B 160 41.00 -16.32 -16.77
CA GLY B 160 40.04 -17.40 -17.01
C GLY B 160 40.22 -18.58 -16.11
N ALA B 161 41.30 -18.61 -15.37
CA ALA B 161 41.60 -19.72 -14.48
C ALA B 161 40.60 -19.81 -13.35
N LEU B 162 40.33 -18.67 -12.70
CA LEU B 162 39.36 -18.62 -11.57
C LEU B 162 37.95 -18.44 -12.13
N THR B 163 37.17 -19.53 -12.19
CA THR B 163 35.78 -19.48 -12.72
C THR B 163 34.82 -20.05 -11.68
N SER B 164 35.28 -20.19 -10.43
CA SER B 164 34.44 -20.74 -9.32
C SER B 164 34.14 -19.64 -8.30
N GLY B 165 32.87 -19.23 -8.22
CA GLY B 165 32.45 -18.18 -7.27
C GLY B 165 32.49 -16.80 -7.91
N VAL B 166 32.70 -16.74 -9.23
CA VAL B 166 32.75 -15.46 -9.96
C VAL B 166 31.40 -15.11 -10.51
N HIS B 167 30.97 -13.92 -10.16
CA HIS B 167 29.67 -13.39 -10.64
C HIS B 167 29.88 -11.97 -11.14
N THR B 168 29.68 -11.74 -12.43
CA THR B 168 29.82 -10.42 -13.04
C THR B 168 28.41 -9.95 -13.36
N PHE B 169 27.96 -8.93 -12.66
CA PHE B 169 26.61 -8.33 -12.74
C PHE B 169 26.44 -7.39 -13.92
N PRO B 170 25.22 -7.24 -14.45
CA PRO B 170 24.93 -6.39 -15.56
C PRO B 170 25.30 -4.91 -15.36
N ALA B 171 25.68 -4.24 -16.41
CA ALA B 171 26.10 -2.83 -16.29
C ALA B 171 24.93 -1.89 -16.08
N VAL B 172 25.22 -0.68 -15.65
CA VAL B 172 24.20 0.34 -15.41
C VAL B 172 24.67 1.60 -16.09
N LEU B 173 23.83 2.24 -16.88
CA LEU B 173 24.14 3.54 -17.49
C LEU B 173 23.87 4.65 -16.49
N GLN B 174 24.69 5.67 -16.49
CA GLN B 174 24.53 6.80 -15.57
C GLN B 174 24.00 8.00 -16.33
N SER B 175 23.67 9.07 -15.61
CA SER B 175 23.23 10.37 -16.16
C SER B 175 24.38 10.97 -16.98
N SER B 176 25.57 10.51 -16.66
CA SER B 176 26.87 10.84 -17.25
C SER B 176 26.83 10.48 -18.72
N GLY B 177 26.27 9.32 -18.98
CA GLY B 177 26.20 8.70 -20.30
C GLY B 177 27.19 7.58 -20.37
N LEU B 178 27.63 7.08 -19.23
CA LEU B 178 28.70 6.07 -19.18
C LEU B 178 28.27 4.86 -18.38
N TYR B 179 28.73 3.69 -18.73
CA TYR B 179 28.36 2.44 -18.01
C TYR B 179 29.38 2.15 -16.93
N SER B 180 28.95 1.55 -15.83
CA SER B 180 29.80 1.09 -14.70
C SER B 180 29.45 -0.36 -14.44
N LEU B 181 30.38 -1.18 -14.02
CA LEU B 181 30.10 -2.63 -13.88
C LEU B 181 30.71 -3.18 -12.60
N SER B 182 30.26 -4.35 -12.17
CA SER B 182 30.78 -4.99 -10.94
C SER B 182 31.08 -6.45 -11.17
N SER B 183 32.25 -6.93 -10.77
CA SER B 183 32.62 -8.36 -10.83
C SER B 183 33.08 -8.80 -9.44
N VAL B 184 32.46 -9.81 -8.86
CA VAL B 184 32.79 -10.23 -7.48
C VAL B 184 33.07 -11.71 -7.51
N VAL B 185 34.07 -12.15 -6.79
CA VAL B 185 34.36 -13.60 -6.70
C VAL B 185 34.46 -13.91 -5.21
N THR B 186 33.88 -15.03 -4.79
CA THR B 186 33.93 -15.42 -3.38
C THR B 186 34.95 -16.54 -3.33
N VAL B 187 35.96 -16.41 -2.48
CA VAL B 187 37.02 -17.44 -2.44
C VAL B 187 37.29 -17.81 -0.99
N PRO B 188 37.81 -19.00 -0.73
CA PRO B 188 38.10 -19.37 0.59
C PRO B 188 39.09 -18.38 1.21
N SER B 189 38.83 -17.96 2.43
CA SER B 189 39.65 -16.98 3.18
C SER B 189 41.01 -17.54 3.53
N SER B 190 41.18 -18.84 3.45
CA SER B 190 42.46 -19.49 3.79
C SER B 190 43.54 -19.07 2.84
N SER B 191 43.17 -18.97 1.58
CA SER B 191 44.02 -18.64 0.40
C SER B 191 44.54 -17.22 0.38
N LEU B 192 43.90 -16.33 1.10
CA LEU B 192 44.43 -14.97 1.02
C LEU B 192 45.84 -15.00 1.55
N GLY B 193 46.77 -14.56 0.74
CA GLY B 193 48.19 -14.49 1.07
C GLY B 193 48.95 -15.49 0.27
N THR B 194 48.33 -16.64 0.03
CA THR B 194 49.04 -17.60 -0.84
C THR B 194 48.53 -17.45 -2.27
N GLN B 195 47.21 -17.46 -2.48
CA GLN B 195 46.66 -17.32 -3.86
C GLN B 195 46.59 -15.85 -4.21
N THR B 196 46.95 -15.52 -5.45
CA THR B 196 47.02 -14.14 -5.94
C THR B 196 45.82 -13.93 -6.83
N TYR B 197 45.07 -12.86 -6.63
CA TYR B 197 43.83 -12.63 -7.39
C TYR B 197 43.91 -11.38 -8.26
N ILE B 198 43.95 -11.56 -9.57
CA ILE B 198 43.93 -10.45 -10.55
C ILE B 198 42.69 -10.54 -11.41
N CYS B 199 41.98 -9.44 -11.56
CA CYS B 199 40.83 -9.40 -12.46
C CYS B 199 41.24 -8.87 -13.81
N ASN B 200 40.82 -9.51 -14.89
CA ASN B 200 41.22 -8.98 -16.19
C ASN B 200 40.00 -8.39 -16.85
N VAL B 201 39.98 -7.09 -17.02
CA VAL B 201 38.84 -6.39 -17.63
C VAL B 201 39.25 -6.04 -19.03
N ASN B 202 38.48 -6.42 -20.03
CA ASN B 202 38.87 -6.10 -21.42
C ASN B 202 37.81 -5.22 -22.06
N HIS B 203 38.18 -4.00 -22.40
CA HIS B 203 37.22 -3.13 -23.11
C HIS B 203 37.76 -2.86 -24.49
N LYS B 204 37.34 -3.70 -25.42
CA LYS B 204 37.69 -3.82 -26.85
C LYS B 204 37.32 -2.59 -27.63
N PRO B 205 36.27 -1.87 -27.29
CA PRO B 205 35.99 -0.64 -27.95
C PRO B 205 37.08 0.41 -27.76
N SER B 206 37.92 0.23 -26.76
CA SER B 206 38.96 1.20 -26.37
C SER B 206 40.33 0.68 -26.69
N ASN B 207 40.43 -0.61 -26.91
CA ASN B 207 41.64 -1.41 -27.21
C ASN B 207 42.45 -1.56 -25.94
N THR B 208 41.77 -1.49 -24.82
CA THR B 208 42.34 -1.41 -23.47
C THR B 208 42.04 -2.66 -22.65
N LYS B 209 42.99 -3.24 -21.94
CA LYS B 209 42.72 -4.39 -21.05
C LYS B 209 43.39 -4.03 -19.75
N VAL B 210 42.69 -3.89 -18.64
CA VAL B 210 43.38 -3.56 -17.37
C VAL B 210 43.46 -4.80 -16.51
N ASP B 211 44.59 -5.05 -15.90
CA ASP B 211 44.70 -6.15 -14.95
C ASP B 211 45.01 -5.50 -13.64
N LYS B 212 44.03 -5.44 -12.75
CA LYS B 212 44.17 -4.85 -11.41
C LYS B 212 44.30 -6.01 -10.47
N LYS B 213 45.35 -6.06 -9.67
CA LYS B 213 45.61 -7.14 -8.72
C LYS B 213 44.96 -6.72 -7.44
N VAL B 214 44.26 -7.62 -6.78
CA VAL B 214 43.55 -7.16 -5.58
C VAL B 214 44.11 -7.87 -4.38
N GLU B 215 44.20 -7.12 -3.29
CA GLU B 215 44.50 -7.55 -1.91
C GLU B 215 43.62 -6.64 -1.08
N VAL C 2 -17.92 -1.29 10.50
CA VAL C 2 -18.36 -0.32 9.46
C VAL C 2 -19.27 -1.05 8.51
N GLN C 3 -20.32 -0.41 8.07
CA GLN C 3 -21.18 -1.11 7.12
C GLN C 3 -21.89 -0.08 6.26
N LEU C 4 -21.84 -0.18 4.94
CA LEU C 4 -22.67 0.71 4.11
C LEU C 4 -23.89 -0.09 3.75
N VAL C 5 -25.06 0.46 3.91
CA VAL C 5 -26.25 -0.35 3.56
C VAL C 5 -26.99 0.43 2.50
N GLN C 6 -27.25 -0.21 1.39
CA GLN C 6 -27.98 0.46 0.31
C GLN C 6 -29.47 0.35 0.56
N SER C 7 -30.26 0.98 -0.28
CA SER C 7 -31.71 0.98 -0.10
C SER C 7 -32.34 -0.11 -0.94
N GLY C 8 -33.63 -0.29 -0.85
CA GLY C 8 -34.26 -1.38 -1.57
C GLY C 8 -34.25 -1.17 -3.05
N ALA C 9 -34.58 -2.21 -3.78
CA ALA C 9 -34.61 -2.23 -5.25
C ALA C 9 -35.78 -1.41 -5.75
N GLU C 10 -35.55 -0.72 -6.84
CA GLU C 10 -36.50 0.27 -7.35
C GLU C 10 -36.86 -0.06 -8.79
N VAL C 11 -38.11 0.09 -9.16
CA VAL C 11 -38.51 -0.07 -10.58
C VAL C 11 -39.13 1.26 -10.96
N LYS C 12 -38.64 1.87 -12.01
CA LYS C 12 -39.10 3.21 -12.47
C LYS C 12 -39.43 3.14 -13.96
N LYS C 13 -40.27 4.02 -14.43
CA LYS C 13 -40.68 4.10 -15.85
C LYS C 13 -39.84 5.15 -16.54
N PRO C 14 -39.66 5.15 -17.85
CA PRO C 14 -38.85 6.13 -18.44
C PRO C 14 -39.26 7.57 -18.17
N GLY C 15 -38.25 8.39 -17.93
CA GLY C 15 -38.43 9.81 -17.65
C GLY C 15 -38.58 10.11 -16.19
N ALA C 16 -38.57 9.11 -15.34
CA ALA C 16 -38.73 9.36 -13.90
C ALA C 16 -37.38 9.59 -13.26
N SER C 17 -37.33 9.66 -11.94
CA SER C 17 -36.04 9.84 -11.25
C SER C 17 -36.00 8.92 -10.06
N VAL C 18 -34.84 8.44 -9.65
CA VAL C 18 -34.75 7.53 -8.48
C VAL C 18 -33.66 8.03 -7.56
N LYS C 19 -33.87 7.98 -6.25
CA LYS C 19 -32.88 8.36 -5.23
C LYS C 19 -32.53 7.15 -4.38
N VAL C 20 -31.33 6.62 -4.56
CA VAL C 20 -30.64 5.50 -3.87
C VAL C 20 -29.95 6.02 -2.61
N SER C 21 -29.86 5.24 -1.55
CA SER C 21 -29.14 5.73 -0.37
C SER C 21 -28.08 4.76 0.16
N CYS C 22 -26.95 5.22 0.69
CA CYS C 22 -25.95 4.38 1.39
C CYS C 22 -25.94 4.93 2.81
N LYS C 23 -26.32 4.16 3.83
CA LYS C 23 -26.17 4.63 5.22
C LYS C 23 -24.85 4.10 5.74
N THR C 24 -24.20 4.77 6.66
CA THR C 24 -22.85 4.39 7.09
C THR C 24 -22.83 3.94 8.54
N SER C 25 -21.83 3.16 8.96
CA SER C 25 -21.69 2.65 10.35
C SER C 25 -20.23 2.32 10.67
N THR C 28 -17.54 6.93 11.97
CA THR C 28 -17.05 7.53 13.25
C THR C 28 -16.81 9.03 13.10
N PHE C 29 -15.94 9.43 12.20
CA PHE C 29 -15.66 10.86 11.97
C PHE C 29 -15.91 11.12 10.50
N THR C 30 -16.36 12.30 10.16
CA THR C 30 -16.67 12.52 8.75
C THR C 30 -15.39 12.89 8.01
N ASN C 31 -14.58 11.89 7.74
CA ASN C 31 -13.37 12.08 6.94
C ASN C 31 -13.40 10.98 5.89
N TYR C 32 -14.55 10.80 5.26
CA TYR C 32 -14.64 9.79 4.18
C TYR C 32 -15.45 10.31 2.99
N GLY C 33 -15.28 9.69 1.83
CA GLY C 33 -16.05 10.01 0.62
C GLY C 33 -16.70 8.77 0.10
N ILE C 34 -17.86 8.88 -0.51
CA ILE C 34 -18.60 7.72 -1.05
C ILE C 34 -18.58 7.87 -2.55
N ASN C 35 -18.11 6.87 -3.24
CA ASN C 35 -18.14 6.90 -4.70
C ASN C 35 -19.39 6.19 -5.15
N TRP C 36 -19.96 6.60 -6.24
CA TRP C 36 -21.17 5.99 -6.76
C TRP C 36 -20.78 5.42 -8.10
N VAL C 37 -21.02 4.13 -8.25
CA VAL C 37 -20.64 3.31 -9.43
C VAL C 37 -21.85 2.51 -9.85
N ARG C 38 -22.03 2.25 -11.12
CA ARG C 38 -23.20 1.42 -11.49
C ARG C 38 -22.75 0.33 -12.43
N GLN C 39 -23.41 -0.81 -12.41
CA GLN C 39 -23.08 -1.91 -13.32
C GLN C 39 -24.29 -2.32 -14.14
N ALA C 40 -24.22 -2.15 -15.44
CA ALA C 40 -25.25 -2.58 -16.40
C ALA C 40 -25.33 -4.08 -16.36
N PRO C 41 -26.44 -4.78 -16.58
CA PRO C 41 -26.44 -6.21 -16.35
C PRO C 41 -25.64 -7.06 -17.33
N GLY C 42 -24.64 -7.76 -16.78
CA GLY C 42 -23.72 -8.62 -17.54
C GLY C 42 -22.57 -7.84 -18.07
N GLN C 43 -22.33 -6.65 -17.53
CA GLN C 43 -21.26 -5.74 -17.99
C GLN C 43 -20.39 -5.25 -16.86
N GLY C 44 -19.42 -4.44 -17.21
CA GLY C 44 -18.45 -3.83 -16.30
C GLY C 44 -19.00 -2.64 -15.57
N LEU C 45 -18.22 -2.10 -14.66
CA LEU C 45 -18.66 -0.97 -13.81
C LEU C 45 -18.33 0.35 -14.44
N GLU C 46 -19.01 1.37 -14.02
CA GLU C 46 -18.83 2.72 -14.58
C GLU C 46 -19.05 3.71 -13.43
N TRP C 47 -18.35 4.82 -13.44
CA TRP C 47 -18.39 5.80 -12.35
C TRP C 47 -19.54 6.74 -12.54
N ILE C 48 -20.15 7.20 -11.47
CA ILE C 48 -21.18 8.26 -11.53
C ILE C 48 -20.59 9.50 -10.87
N GLY C 49 -20.26 9.48 -9.58
CA GLY C 49 -19.76 10.66 -8.86
C GLY C 49 -19.05 10.32 -7.58
N TYR C 50 -18.48 11.30 -6.91
CA TYR C 50 -17.81 11.05 -5.62
C TYR C 50 -18.18 12.17 -4.67
N ILE C 51 -18.34 11.89 -3.40
CA ILE C 51 -18.56 13.01 -2.47
C ILE C 51 -17.67 12.88 -1.24
N TYR C 52 -17.11 13.98 -0.77
CA TYR C 52 -16.39 13.96 0.52
C TYR C 52 -17.42 14.47 1.50
N ILE C 53 -17.74 13.69 2.52
CA ILE C 53 -18.76 13.99 3.56
C ILE C 53 -18.31 15.13 4.44
N GLY C 54 -17.05 15.18 4.76
CA GLY C 54 -16.59 16.20 5.68
C GLY C 54 -16.76 17.62 5.20
N ALA C 55 -16.68 17.82 3.90
CA ALA C 55 -16.76 19.16 3.31
C ALA C 55 -17.97 19.32 2.42
N GLY C 56 -18.58 18.24 1.96
CA GLY C 56 -19.78 18.29 1.10
C GLY C 56 -19.43 18.44 -0.35
N ASP C 57 -18.15 18.42 -0.65
CA ASP C 57 -17.62 18.55 -2.03
C ASP C 57 -18.03 17.34 -2.83
N THR C 58 -18.53 17.58 -4.02
CA THR C 58 -19.07 16.51 -4.84
C THR C 58 -18.48 16.61 -6.25
N ASP C 59 -18.09 15.50 -6.85
CA ASP C 59 -17.46 15.47 -8.17
C ASP C 59 -18.21 14.46 -9.02
N TYR C 60 -18.42 14.74 -10.27
CA TYR C 60 -19.21 13.81 -11.09
C TYR C 60 -18.51 13.47 -12.39
N SER C 61 -18.93 12.36 -12.96
CA SER C 61 -18.51 11.87 -14.28
C SER C 61 -19.16 12.77 -15.30
N GLU C 62 -18.51 13.04 -16.41
CA GLU C 62 -19.05 13.90 -17.48
C GLU C 62 -20.29 13.28 -18.08
N LYS C 63 -20.38 11.98 -18.10
CA LYS C 63 -21.54 11.30 -18.69
C LYS C 63 -22.76 11.46 -17.82
N PHE C 64 -22.53 11.82 -16.58
CA PHE C 64 -23.62 11.88 -15.60
C PHE C 64 -23.71 13.22 -14.93
N LYS C 65 -22.93 14.20 -15.34
CA LYS C 65 -22.86 15.48 -14.61
C LYS C 65 -24.19 16.22 -14.48
N GLY C 66 -24.93 16.48 -15.53
CA GLY C 66 -26.19 17.21 -15.31
C GLY C 66 -27.28 16.42 -14.61
N ARG C 67 -27.41 15.17 -14.98
CA ARG C 67 -28.47 14.24 -14.53
C ARG C 67 -28.31 13.74 -13.12
N ALA C 68 -27.10 13.44 -12.70
CA ALA C 68 -26.79 12.84 -11.39
C ALA C 68 -26.58 13.89 -10.32
N THR C 69 -27.12 13.60 -9.15
CA THR C 69 -27.08 14.51 -7.99
C THR C 69 -26.69 13.77 -6.71
N ILE C 70 -25.58 14.12 -6.08
CA ILE C 70 -25.17 13.41 -4.85
C ILE C 70 -25.13 14.35 -3.66
N THR C 71 -25.89 14.02 -2.65
CA THR C 71 -26.06 14.81 -1.41
C THR C 71 -25.78 13.97 -0.17
N SER C 72 -25.45 14.59 0.94
CA SER C 72 -25.20 13.80 2.17
C SER C 72 -26.03 14.34 3.33
N ASP C 73 -26.57 13.46 4.16
CA ASP C 73 -27.31 13.95 5.33
C ASP C 73 -26.55 13.52 6.56
N THR C 74 -25.62 14.35 6.96
CA THR C 74 -24.67 14.05 8.05
C THR C 74 -25.42 13.74 9.32
N SER C 75 -26.52 14.41 9.54
CA SER C 75 -27.33 14.21 10.76
C SER C 75 -27.78 12.77 10.76
N ALA C 76 -28.05 12.27 9.56
CA ALA C 76 -28.58 10.91 9.34
C ALA C 76 -27.44 9.95 9.03
N SER C 77 -26.33 10.46 8.55
CA SER C 77 -25.16 9.62 8.20
C SER C 77 -25.43 8.91 6.90
N THR C 78 -26.36 9.41 6.08
CA THR C 78 -26.79 8.78 4.82
C THR C 78 -26.35 9.61 3.63
N VAL C 79 -26.06 8.96 2.51
CA VAL C 79 -25.65 9.61 1.24
C VAL C 79 -26.67 9.19 0.18
N TYR C 80 -27.05 10.06 -0.72
CA TYR C 80 -28.03 9.69 -1.75
C TYR C 80 -27.48 9.97 -3.12
N MET C 81 -27.99 9.26 -4.12
CA MET C 81 -27.64 9.49 -5.53
C MET C 81 -28.94 9.60 -6.31
N GLU C 82 -29.17 10.70 -6.96
CA GLU C 82 -30.43 10.85 -7.70
C GLU C 82 -30.14 10.90 -9.19
N LEU C 83 -30.66 9.95 -9.92
CA LEU C 83 -30.49 10.00 -11.37
C LEU C 83 -31.85 10.40 -11.88
N SER C 84 -31.89 11.52 -12.56
CA SER C 84 -33.10 12.13 -13.13
C SER C 84 -33.29 11.69 -14.56
N SER C 85 -34.49 11.86 -15.08
CA SER C 85 -34.80 11.62 -16.50
C SER C 85 -34.25 10.29 -16.95
N LEU C 86 -34.67 9.25 -16.27
CA LEU C 86 -34.22 7.86 -16.48
C LEU C 86 -34.59 7.35 -17.84
N ARG C 87 -33.76 6.46 -18.33
CA ARG C 87 -33.87 5.80 -19.64
C ARG C 87 -33.75 4.31 -19.44
N SER C 88 -33.95 3.57 -20.49
CA SER C 88 -33.91 2.09 -20.48
C SER C 88 -32.51 1.61 -20.20
N GLU C 89 -31.53 2.44 -20.44
CA GLU C 89 -30.09 2.12 -20.34
C GLU C 89 -29.53 2.44 -18.99
N ASP C 90 -30.36 2.99 -18.16
CA ASP C 90 -29.99 3.38 -16.79
C ASP C 90 -30.25 2.19 -15.87
N THR C 91 -30.64 1.07 -16.44
CA THR C 91 -30.96 -0.14 -15.68
C THR C 91 -29.66 -0.79 -15.32
N ALA C 92 -29.36 -0.81 -14.05
CA ALA C 92 -28.10 -1.32 -13.51
C ALA C 92 -28.22 -1.51 -12.02
N VAL C 93 -27.19 -2.05 -11.44
CA VAL C 93 -27.10 -2.19 -9.98
C VAL C 93 -26.16 -1.06 -9.60
N TYR C 94 -26.57 -0.15 -8.70
CA TYR C 94 -25.78 1.04 -8.33
C TYR C 94 -25.10 0.75 -7.02
N TYR C 95 -23.85 1.11 -6.86
CA TYR C 95 -23.15 0.71 -5.63
C TYR C 95 -22.46 1.89 -4.99
N CYS C 96 -22.45 1.93 -3.67
CA CYS C 96 -21.74 2.96 -2.89
C CYS C 96 -20.52 2.35 -2.24
N ALA C 97 -19.42 3.09 -2.17
CA ALA C 97 -18.17 2.59 -1.55
C ALA C 97 -17.24 3.76 -1.17
N GLY C 98 -17.27 4.16 0.10
CA GLY C 98 -16.42 5.27 0.59
C GLY C 98 -15.00 4.82 0.84
N THR C 99 -14.02 5.70 0.59
CA THR C 99 -12.58 5.37 0.79
C THR C 99 -12.32 5.14 2.29
N GLY C 100 -12.31 6.23 3.07
CA GLY C 100 -12.07 6.14 4.53
C GLY C 100 -10.69 6.67 4.90
N THR C 101 -9.82 5.80 5.42
CA THR C 101 -8.45 6.19 5.82
C THR C 101 -7.45 5.14 5.33
N ARG C 102 -7.78 3.86 5.50
CA ARG C 102 -6.90 2.77 5.07
C ARG C 102 -7.76 1.79 4.28
N PHE C 103 -8.92 1.44 4.80
CA PHE C 103 -9.71 0.46 4.04
C PHE C 103 -10.68 1.19 3.15
N VAL C 104 -11.41 0.41 2.38
CA VAL C 104 -12.51 0.83 1.48
C VAL C 104 -13.63 -0.19 1.62
N TYR C 105 -14.89 0.23 1.65
CA TYR C 105 -16.05 -0.66 1.92
C TYR C 105 -17.12 -0.44 0.86
N TRP C 106 -17.91 -1.45 0.56
CA TRP C 106 -18.94 -1.34 -0.48
C TRP C 106 -20.29 -1.56 0.12
N GLY C 107 -21.30 -1.02 -0.53
CA GLY C 107 -22.71 -1.26 -0.25
C GLY C 107 -23.14 -2.58 -0.87
N GLN C 108 -24.34 -3.02 -0.54
CA GLN C 108 -24.99 -4.25 -1.06
C GLN C 108 -25.35 -4.13 -2.54
N GLY C 109 -25.63 -2.93 -2.96
CA GLY C 109 -26.02 -2.60 -4.33
C GLY C 109 -27.50 -2.52 -4.40
N THR C 110 -28.02 -1.57 -5.14
CA THR C 110 -29.48 -1.49 -5.26
C THR C 110 -29.79 -1.61 -6.74
N LEU C 111 -30.75 -2.43 -7.12
CA LEU C 111 -31.05 -2.59 -8.55
C LEU C 111 -32.16 -1.63 -8.92
N VAL C 112 -31.95 -0.86 -9.95
CA VAL C 112 -32.93 0.08 -10.48
C VAL C 112 -33.33 -0.44 -11.84
N THR C 113 -34.58 -0.84 -11.98
CA THR C 113 -35.11 -1.37 -13.25
C THR C 113 -35.82 -0.22 -13.94
N VAL C 114 -35.68 -0.04 -15.23
CA VAL C 114 -36.31 1.14 -15.88
C VAL C 114 -37.09 0.75 -17.13
N SER C 115 -38.38 0.45 -17.06
CA SER C 115 -39.11 0.13 -18.31
C SER C 115 -40.57 0.48 -18.21
N SER C 116 -41.23 0.38 -19.36
CA SER C 116 -42.65 0.73 -19.70
C SER C 116 -43.74 -0.13 -19.07
N ALA C 117 -43.82 -1.41 -19.42
CA ALA C 117 -44.95 -2.26 -18.95
C ALA C 117 -44.98 -2.47 -17.43
N SER C 118 -46.17 -2.73 -16.90
CA SER C 118 -46.33 -2.84 -15.45
C SER C 118 -46.16 -4.27 -15.01
N THR C 119 -46.49 -4.52 -13.77
CA THR C 119 -46.17 -5.81 -13.16
C THR C 119 -47.08 -6.90 -13.65
N LYS C 120 -46.65 -7.93 -14.40
CA LYS C 120 -47.68 -8.97 -14.66
C LYS C 120 -47.14 -10.33 -14.22
N GLY C 121 -48.05 -11.30 -14.02
CA GLY C 121 -47.66 -12.66 -13.59
C GLY C 121 -46.95 -13.42 -14.70
N PRO C 122 -46.07 -14.40 -14.39
CA PRO C 122 -45.35 -15.16 -15.42
C PRO C 122 -46.24 -16.26 -16.03
N SER C 123 -45.74 -16.94 -17.06
CA SER C 123 -46.49 -18.03 -17.74
C SER C 123 -45.98 -19.39 -17.26
N VAL C 124 -46.75 -20.45 -17.50
CA VAL C 124 -46.36 -21.83 -17.08
C VAL C 124 -45.35 -22.39 -18.10
N PHE C 125 -45.81 -22.67 -19.33
CA PHE C 125 -44.93 -23.21 -20.39
C PHE C 125 -44.16 -24.42 -19.86
N PRO C 126 -44.83 -25.52 -19.47
CA PRO C 126 -44.15 -26.71 -18.97
C PRO C 126 -43.40 -27.46 -20.08
N LEU C 127 -42.25 -28.05 -19.75
CA LEU C 127 -41.42 -28.80 -20.73
C LEU C 127 -41.33 -30.27 -20.29
N ALA C 128 -40.73 -31.12 -21.15
CA ALA C 128 -40.57 -32.55 -20.83
C ALA C 128 -39.49 -33.16 -21.74
N PRO C 129 -38.90 -34.32 -21.39
CA PRO C 129 -37.86 -34.96 -22.22
C PRO C 129 -38.32 -35.10 -23.68
N THR C 138 -29.96 -39.17 -16.23
CA THR C 138 -30.33 -39.50 -17.61
C THR C 138 -31.62 -38.81 -18.06
N ALA C 139 -32.22 -37.93 -17.30
CA ALA C 139 -33.37 -37.24 -17.92
C ALA C 139 -33.51 -35.82 -17.43
N ALA C 140 -33.89 -34.91 -18.30
CA ALA C 140 -34.05 -33.49 -17.95
C ALA C 140 -35.49 -33.00 -18.10
N LEU C 141 -35.98 -32.35 -17.06
CA LEU C 141 -37.31 -31.75 -16.91
C LEU C 141 -37.10 -30.27 -16.68
N GLY C 142 -37.79 -29.42 -17.37
CA GLY C 142 -37.60 -28.00 -17.13
C GLY C 142 -38.92 -27.31 -17.09
N CYS C 143 -38.90 -26.06 -16.65
CA CYS C 143 -40.07 -25.16 -16.50
C CYS C 143 -39.60 -23.80 -17.00
N LEU C 144 -40.18 -23.25 -18.07
CA LEU C 144 -39.77 -21.91 -18.51
C LEU C 144 -40.69 -20.87 -17.91
N VAL C 145 -40.11 -19.82 -17.30
CA VAL C 145 -40.93 -18.74 -16.67
C VAL C 145 -40.77 -17.46 -17.49
N LYS C 146 -41.87 -16.94 -18.04
CA LYS C 146 -41.84 -15.71 -18.86
C LYS C 146 -43.08 -14.85 -18.53
N ASP C 147 -43.33 -13.83 -19.35
CA ASP C 147 -44.50 -12.92 -19.15
C ASP C 147 -44.49 -12.41 -17.71
N TYR C 148 -43.35 -11.88 -17.22
CA TYR C 148 -43.27 -11.27 -15.85
C TYR C 148 -42.44 -9.99 -15.79
N PHE C 149 -42.89 -8.94 -15.13
CA PHE C 149 -42.06 -7.70 -15.12
C PHE C 149 -41.61 -7.32 -13.73
N PRO C 150 -42.04 -8.04 -12.67
CA PRO C 150 -41.45 -7.83 -11.35
C PRO C 150 -40.19 -8.72 -11.24
N GLU C 151 -39.02 -8.23 -11.61
CA GLU C 151 -37.84 -9.14 -11.56
C GLU C 151 -38.01 -10.13 -10.40
N PRO C 152 -38.68 -9.75 -9.29
CA PRO C 152 -38.88 -10.66 -8.15
C PRO C 152 -39.62 -11.94 -8.56
N VAL C 153 -38.91 -13.08 -8.53
CA VAL C 153 -39.50 -14.40 -8.89
C VAL C 153 -38.62 -15.50 -8.27
N THR C 154 -39.22 -16.62 -7.86
CA THR C 154 -38.45 -17.72 -7.24
C THR C 154 -39.06 -19.07 -7.56
N VAL C 155 -38.25 -20.03 -8.00
CA VAL C 155 -38.73 -21.38 -8.35
C VAL C 155 -38.08 -22.41 -7.43
N SER C 156 -38.90 -23.37 -7.03
CA SER C 156 -38.57 -24.56 -6.20
C SER C 156 -39.26 -25.73 -6.88
N TRP C 157 -38.74 -26.93 -6.74
CA TRP C 157 -39.44 -27.95 -7.53
C TRP C 157 -40.51 -28.67 -6.75
N ASN C 158 -40.22 -29.62 -5.89
CA ASN C 158 -41.42 -30.30 -5.36
C ASN C 158 -41.87 -29.65 -4.07
N SER C 159 -42.23 -28.36 -4.12
CA SER C 159 -42.60 -27.55 -2.94
C SER C 159 -41.45 -27.62 -1.96
N GLY C 160 -40.26 -27.70 -2.55
CA GLY C 160 -38.94 -27.74 -1.91
C GLY C 160 -38.45 -29.14 -1.72
N ALA C 161 -39.19 -30.17 -2.08
CA ALA C 161 -38.73 -31.53 -1.78
C ALA C 161 -37.45 -31.93 -2.49
N LEU C 162 -37.24 -31.50 -3.73
CA LEU C 162 -35.98 -31.91 -4.37
C LEU C 162 -35.04 -30.73 -4.60
N THR C 163 -33.79 -30.90 -4.21
CA THR C 163 -32.79 -29.82 -4.40
C THR C 163 -31.71 -30.33 -5.34
N SER C 164 -31.64 -31.63 -5.50
CA SER C 164 -30.56 -32.24 -6.30
C SER C 164 -30.90 -32.21 -7.76
N GLY C 165 -30.01 -31.63 -8.55
CA GLY C 165 -30.10 -31.52 -10.01
C GLY C 165 -30.88 -30.33 -10.43
N VAL C 166 -31.31 -29.53 -9.47
CA VAL C 166 -32.23 -28.44 -9.80
C VAL C 166 -31.44 -27.20 -10.10
N HIS C 167 -31.33 -26.82 -11.35
CA HIS C 167 -30.59 -25.58 -11.64
C HIS C 167 -31.55 -24.59 -12.28
N THR C 168 -31.59 -23.40 -11.71
CA THR C 168 -32.46 -22.30 -12.14
C THR C 168 -31.59 -21.15 -12.63
N PHE C 169 -31.47 -20.96 -13.92
CA PHE C 169 -30.54 -19.97 -14.52
C PHE C 169 -31.02 -18.53 -14.35
N PRO C 170 -30.12 -17.53 -14.41
CA PRO C 170 -30.46 -16.17 -14.17
C PRO C 170 -31.58 -15.71 -15.09
N ALA C 171 -32.31 -14.71 -14.65
CA ALA C 171 -33.46 -14.18 -15.40
C ALA C 171 -32.96 -13.40 -16.59
N VAL C 172 -33.57 -13.52 -17.76
CA VAL C 172 -33.22 -12.62 -18.89
C VAL C 172 -34.51 -12.22 -19.61
N SER C 176 -37.66 -6.89 -25.70
CA SER C 176 -39.13 -6.76 -25.90
C SER C 176 -39.77 -6.15 -24.65
N GLY C 177 -38.95 -5.92 -23.64
CA GLY C 177 -39.42 -5.31 -22.39
C GLY C 177 -39.74 -6.27 -21.26
N LEU C 178 -39.82 -7.58 -21.50
CA LEU C 178 -40.13 -8.46 -20.36
C LEU C 178 -39.06 -9.53 -20.18
N TYR C 179 -38.95 -9.99 -18.96
CA TYR C 179 -37.87 -10.93 -18.62
C TYR C 179 -38.43 -12.30 -18.41
N SER C 180 -37.62 -13.30 -18.76
CA SER C 180 -37.93 -14.73 -18.69
C SER C 180 -36.87 -15.45 -17.88
N LEU C 181 -37.21 -16.62 -17.36
CA LEU C 181 -36.33 -17.45 -16.53
C LEU C 181 -36.41 -18.90 -16.98
N SER C 182 -35.49 -19.73 -16.57
CA SER C 182 -35.59 -21.15 -16.94
C SER C 182 -35.12 -21.96 -15.75
N SER C 183 -35.87 -22.94 -15.28
CA SER C 183 -35.38 -23.77 -14.16
C SER C 183 -35.51 -25.20 -14.64
N VAL C 184 -34.47 -26.01 -14.56
CA VAL C 184 -34.50 -27.41 -15.02
C VAL C 184 -33.92 -28.33 -13.96
N VAL C 185 -34.33 -29.60 -13.94
CA VAL C 185 -33.81 -30.64 -13.01
C VAL C 185 -33.47 -31.88 -13.81
N THR C 186 -32.40 -32.56 -13.42
CA THR C 186 -31.94 -33.81 -14.06
C THR C 186 -32.35 -34.95 -13.15
N VAL C 187 -33.19 -35.86 -13.63
CA VAL C 187 -33.69 -36.94 -12.74
C VAL C 187 -33.43 -38.28 -13.42
N PRO C 188 -33.26 -39.38 -12.69
CA PRO C 188 -32.97 -40.65 -13.27
C PRO C 188 -34.14 -40.94 -14.19
N SER C 189 -33.85 -41.46 -15.37
CA SER C 189 -34.82 -41.74 -16.45
C SER C 189 -35.88 -42.74 -16.01
N SER C 190 -35.53 -43.68 -15.18
CA SER C 190 -36.43 -44.77 -14.72
C SER C 190 -37.58 -44.21 -13.90
N SER C 191 -37.33 -43.18 -13.13
CA SER C 191 -38.33 -42.61 -12.21
C SER C 191 -39.41 -41.90 -12.99
N LEU C 192 -39.14 -41.61 -14.23
CA LEU C 192 -40.09 -40.83 -15.03
C LEU C 192 -41.27 -41.71 -15.28
N GLY C 193 -42.43 -41.22 -14.98
CA GLY C 193 -43.66 -42.00 -15.13
C GLY C 193 -44.17 -42.35 -13.79
N THR C 194 -43.31 -42.73 -12.87
CA THR C 194 -43.82 -42.98 -11.51
C THR C 194 -43.53 -41.84 -10.54
N GLN C 195 -42.32 -41.36 -10.30
CA GLN C 195 -42.21 -40.22 -9.35
C GLN C 195 -42.84 -39.03 -10.04
N THR C 196 -43.54 -38.17 -9.33
CA THR C 196 -44.26 -37.01 -9.92
C THR C 196 -43.42 -35.78 -9.66
N TYR C 197 -43.34 -34.88 -10.63
CA TYR C 197 -42.53 -33.65 -10.49
C TYR C 197 -43.39 -32.44 -10.78
N ILE C 198 -43.54 -31.56 -9.81
CA ILE C 198 -44.27 -30.28 -10.00
C ILE C 198 -43.37 -29.07 -9.98
N CYS C 199 -43.75 -28.03 -10.70
CA CYS C 199 -43.00 -26.79 -10.54
C CYS C 199 -43.62 -25.53 -9.95
N ASN C 200 -43.27 -25.21 -8.71
CA ASN C 200 -43.86 -24.12 -7.90
C ASN C 200 -43.16 -22.82 -8.24
N VAL C 201 -43.71 -21.98 -9.09
CA VAL C 201 -43.03 -20.69 -9.39
C VAL C 201 -43.69 -19.60 -8.61
N ASN C 202 -42.93 -19.01 -7.70
CA ASN C 202 -43.50 -17.99 -6.82
C ASN C 202 -43.16 -16.59 -7.34
N HIS C 203 -44.15 -15.74 -7.45
CA HIS C 203 -43.91 -14.33 -7.77
C HIS C 203 -44.67 -13.63 -6.68
N LYS C 204 -43.96 -13.08 -5.72
CA LYS C 204 -44.55 -12.35 -4.59
C LYS C 204 -45.04 -10.98 -5.04
N PRO C 205 -44.40 -10.33 -5.99
CA PRO C 205 -44.82 -9.04 -6.44
C PRO C 205 -46.21 -9.04 -7.05
N SER C 206 -46.55 -10.09 -7.81
CA SER C 206 -47.84 -10.25 -8.51
C SER C 206 -48.77 -11.11 -7.69
N ASN C 207 -48.32 -11.50 -6.51
CA ASN C 207 -49.05 -12.39 -5.59
C ASN C 207 -49.30 -13.76 -6.22
N THR C 208 -48.32 -14.31 -6.93
CA THR C 208 -48.48 -15.58 -7.68
C THR C 208 -47.86 -16.74 -6.94
N LYS C 209 -48.55 -17.85 -6.84
CA LYS C 209 -48.02 -19.05 -6.16
C LYS C 209 -48.45 -20.26 -6.99
N VAL C 210 -48.05 -20.30 -8.26
CA VAL C 210 -48.44 -21.31 -9.28
C VAL C 210 -47.71 -22.62 -9.09
N ASP C 211 -48.28 -23.71 -9.56
CA ASP C 211 -47.59 -25.02 -9.53
C ASP C 211 -47.90 -25.69 -10.87
N LYS C 212 -46.92 -26.01 -11.69
CA LYS C 212 -47.19 -26.74 -12.96
C LYS C 212 -46.52 -28.10 -12.92
N LYS C 213 -47.25 -29.17 -13.16
CA LYS C 213 -46.72 -30.55 -13.13
C LYS C 213 -45.93 -30.83 -14.38
N VAL C 214 -44.95 -31.73 -14.35
CA VAL C 214 -44.13 -31.97 -15.57
C VAL C 214 -44.01 -33.45 -15.89
N GLU C 215 -44.62 -33.88 -16.99
CA GLU C 215 -44.52 -35.28 -17.42
C GLU C 215 -44.84 -35.38 -18.91
N PRO C 216 -44.46 -36.46 -19.62
CA PRO C 216 -44.79 -36.60 -21.00
C PRO C 216 -45.91 -37.61 -21.25
N GLU D 1 -7.71 10.51 -21.88
CA GLU D 1 -8.44 9.23 -22.04
C GLU D 1 -7.59 8.08 -21.52
N VAL D 2 -7.73 7.74 -20.25
CA VAL D 2 -6.99 6.64 -19.58
C VAL D 2 -7.71 5.37 -19.90
N GLN D 3 -6.95 4.35 -20.24
CA GLN D 3 -7.39 2.99 -20.57
C GLN D 3 -6.70 2.07 -19.58
N LEU D 4 -7.47 1.28 -18.86
CA LEU D 4 -6.99 0.25 -17.93
C LEU D 4 -7.36 -1.07 -18.56
N VAL D 5 -6.43 -1.84 -19.09
CA VAL D 5 -6.83 -3.14 -19.69
C VAL D 5 -6.24 -4.30 -18.90
N GLN D 6 -7.05 -5.27 -18.58
CA GLN D 6 -6.71 -6.43 -17.75
C GLN D 6 -6.36 -7.66 -18.56
N SER D 7 -5.75 -8.61 -17.87
CA SER D 7 -5.29 -9.93 -18.34
C SER D 7 -6.47 -10.82 -18.61
N GLY D 8 -6.17 -11.98 -19.13
CA GLY D 8 -7.16 -12.95 -19.57
C GLY D 8 -7.72 -13.78 -18.49
N ALA D 9 -8.81 -14.46 -18.79
CA ALA D 9 -9.55 -15.31 -17.85
C ALA D 9 -8.70 -16.47 -17.44
N GLU D 10 -8.83 -16.89 -16.20
CA GLU D 10 -8.01 -17.98 -15.67
C GLU D 10 -8.85 -19.05 -14.99
N VAL D 11 -8.47 -20.29 -15.18
CA VAL D 11 -9.11 -21.43 -14.51
C VAL D 11 -8.01 -22.01 -13.66
N LYS D 12 -8.18 -22.02 -12.36
CA LYS D 12 -7.15 -22.57 -11.45
C LYS D 12 -7.77 -23.67 -10.61
N LYS D 13 -6.96 -24.54 -10.05
CA LYS D 13 -7.46 -25.61 -9.18
C LYS D 13 -7.29 -25.15 -7.75
N PRO D 14 -8.07 -25.65 -6.79
CA PRO D 14 -7.95 -25.21 -5.44
C PRO D 14 -6.57 -25.38 -4.84
N GLY D 15 -6.13 -24.40 -4.07
CA GLY D 15 -4.83 -24.41 -3.40
C GLY D 15 -3.79 -23.74 -4.22
N ALA D 16 -4.12 -23.45 -5.45
CA ALA D 16 -3.23 -22.84 -6.45
C ALA D 16 -3.19 -21.34 -6.29
N SER D 17 -2.48 -20.67 -7.15
CA SER D 17 -2.42 -19.22 -6.99
C SER D 17 -2.51 -18.57 -8.36
N VAL D 18 -3.00 -17.34 -8.44
CA VAL D 18 -3.27 -16.66 -9.74
C VAL D 18 -2.66 -15.26 -9.70
N LYS D 19 -2.15 -14.78 -10.82
CA LYS D 19 -1.64 -13.41 -10.84
C LYS D 19 -2.31 -12.68 -11.98
N VAL D 20 -2.96 -11.58 -11.65
CA VAL D 20 -3.81 -10.79 -12.57
C VAL D 20 -3.20 -9.41 -12.79
N SER D 21 -3.28 -8.91 -14.01
CA SER D 21 -2.66 -7.66 -14.50
C SER D 21 -3.67 -6.61 -14.95
N CYS D 22 -3.35 -5.33 -14.78
CA CYS D 22 -4.12 -4.17 -15.29
C CYS D 22 -3.06 -3.33 -15.97
N LYS D 23 -2.91 -3.42 -17.28
CA LYS D 23 -2.03 -2.49 -18.03
C LYS D 23 -2.77 -1.17 -18.08
N THR D 24 -2.08 -0.08 -17.81
CA THR D 24 -2.76 1.22 -17.77
C THR D 24 -2.26 2.15 -18.87
N SER D 25 -3.15 2.77 -19.64
CA SER D 25 -2.68 3.60 -20.78
C SER D 25 -3.21 5.02 -20.72
N GLY D 26 -2.84 5.79 -19.71
CA GLY D 26 -3.30 7.18 -19.59
C GLY D 26 -2.24 8.19 -19.18
N TYR D 27 -2.38 8.79 -18.01
CA TYR D 27 -1.45 9.87 -17.64
C TYR D 27 -0.20 9.32 -16.94
N THR D 28 0.51 10.23 -16.28
CA THR D 28 1.75 9.94 -15.51
C THR D 28 1.47 8.87 -14.45
N PHE D 29 1.90 7.64 -14.71
CA PHE D 29 1.78 6.45 -13.84
C PHE D 29 2.00 6.86 -12.37
N THR D 30 3.13 7.50 -12.06
CA THR D 30 3.63 7.99 -10.75
C THR D 30 2.56 8.68 -9.88
N ASN D 31 1.45 9.15 -10.42
CA ASN D 31 0.43 9.69 -9.51
C ASN D 31 -0.73 8.70 -9.48
N TYR D 32 -0.51 7.48 -9.94
CA TYR D 32 -1.58 6.47 -10.02
C TYR D 32 -1.70 5.68 -8.74
N GLY D 33 -2.91 5.53 -8.27
CA GLY D 33 -3.32 4.64 -7.20
C GLY D 33 -4.26 3.66 -7.85
N ILE D 34 -4.13 2.37 -7.61
CA ILE D 34 -5.01 1.39 -8.29
C ILE D 34 -5.62 0.53 -7.22
N ASN D 35 -6.91 0.29 -7.28
CA ASN D 35 -7.61 -0.53 -6.28
C ASN D 35 -7.99 -1.85 -6.89
N TRP D 36 -8.05 -2.89 -6.11
CA TRP D 36 -8.42 -4.20 -6.66
C TRP D 36 -9.72 -4.59 -5.99
N VAL D 37 -10.70 -4.95 -6.76
CA VAL D 37 -12.05 -5.33 -6.26
C VAL D 37 -12.45 -6.64 -6.92
N ARG D 38 -13.20 -7.44 -6.25
CA ARG D 38 -13.64 -8.72 -6.83
C ARG D 38 -15.12 -8.86 -6.63
N GLN D 39 -15.78 -9.49 -7.56
CA GLN D 39 -17.21 -9.71 -7.41
C GLN D 39 -17.47 -11.17 -7.69
N ALA D 40 -17.95 -11.93 -6.71
CA ALA D 40 -18.34 -13.34 -6.85
C ALA D 40 -19.55 -13.43 -7.76
N PRO D 41 -19.91 -14.52 -8.43
CA PRO D 41 -21.01 -14.43 -9.38
C PRO D 41 -22.37 -14.02 -8.85
N GLY D 42 -22.81 -12.83 -9.26
CA GLY D 42 -24.06 -12.16 -8.88
C GLY D 42 -24.15 -11.97 -7.40
N GLN D 43 -23.07 -11.60 -6.73
CA GLN D 43 -23.20 -11.48 -5.26
C GLN D 43 -22.76 -10.10 -4.79
N GLY D 44 -22.12 -9.32 -5.63
CA GLY D 44 -21.75 -8.00 -5.13
C GLY D 44 -20.28 -7.87 -4.94
N LEU D 45 -19.81 -6.63 -4.98
CA LEU D 45 -18.41 -6.18 -4.93
C LEU D 45 -17.76 -6.19 -3.55
N GLU D 46 -16.49 -6.51 -3.53
CA GLU D 46 -15.64 -6.63 -2.35
C GLU D 46 -14.28 -6.07 -2.71
N TRP D 47 -13.67 -5.32 -1.83
CA TRP D 47 -12.38 -4.67 -2.04
C TRP D 47 -11.29 -5.57 -1.56
N ILE D 48 -10.15 -5.53 -2.23
CA ILE D 48 -8.99 -6.36 -1.90
C ILE D 48 -7.81 -5.51 -1.47
N GLY D 49 -7.40 -4.56 -2.26
CA GLY D 49 -6.25 -3.76 -1.85
C GLY D 49 -6.05 -2.55 -2.72
N TYR D 50 -5.07 -1.73 -2.39
CA TYR D 50 -4.75 -0.52 -3.17
C TYR D 50 -3.26 -0.40 -3.29
N ILE D 51 -2.77 0.15 -4.38
CA ILE D 51 -1.32 0.39 -4.48
C ILE D 51 -1.04 1.77 -5.06
N TYR D 52 -0.17 2.55 -4.42
CA TYR D 52 0.27 3.84 -4.99
C TYR D 52 1.61 3.63 -5.68
N ILE D 53 1.63 3.83 -6.98
CA ILE D 53 2.77 3.65 -7.90
C ILE D 53 3.83 4.68 -7.56
N GLY D 54 5.09 4.37 -7.77
CA GLY D 54 6.07 5.40 -7.45
C GLY D 54 6.51 5.11 -6.06
N ALA D 55 5.78 5.60 -5.08
CA ALA D 55 6.13 5.29 -3.68
C ALA D 55 6.21 3.76 -3.55
N GLY D 56 5.14 3.06 -3.89
CA GLY D 56 5.12 1.59 -3.92
C GLY D 56 4.35 1.01 -2.77
N ASP D 57 3.75 1.86 -1.95
CA ASP D 57 3.06 1.34 -0.75
C ASP D 57 1.72 0.74 -1.12
N THR D 58 1.37 -0.35 -0.47
CA THR D 58 0.12 -1.06 -0.75
C THR D 58 -0.68 -1.15 0.54
N ASP D 59 -2.00 -1.13 0.42
CA ASP D 59 -2.95 -1.21 1.55
C ASP D 59 -3.81 -2.45 1.32
N TYR D 60 -4.16 -3.21 2.34
CA TYR D 60 -4.95 -4.43 2.04
C TYR D 60 -6.24 -4.51 2.82
N SER D 61 -7.10 -5.39 2.40
CA SER D 61 -8.36 -5.58 3.10
C SER D 61 -8.11 -6.49 4.27
N GLU D 62 -8.96 -6.46 5.27
CA GLU D 62 -8.69 -7.38 6.37
C GLU D 62 -8.84 -8.80 5.84
N LYS D 63 -9.73 -8.99 4.89
CA LYS D 63 -10.13 -10.31 4.38
C LYS D 63 -9.07 -10.99 3.54
N PHE D 64 -8.28 -10.20 2.85
CA PHE D 64 -7.30 -10.75 1.89
C PHE D 64 -5.91 -10.33 2.24
N LYS D 65 -5.72 -9.86 3.45
CA LYS D 65 -4.43 -9.29 3.87
C LYS D 65 -3.29 -10.29 3.75
N GLY D 66 -3.49 -11.51 4.22
CA GLY D 66 -2.40 -12.48 4.09
C GLY D 66 -2.22 -13.03 2.71
N ARG D 67 -3.32 -13.51 2.13
CA ARG D 67 -3.39 -14.19 0.83
C ARG D 67 -3.11 -13.32 -0.37
N ALA D 68 -3.37 -12.04 -0.34
CA ALA D 68 -3.20 -11.31 -1.59
C ALA D 68 -2.00 -10.40 -1.52
N THR D 69 -1.36 -10.20 -2.64
CA THR D 69 -0.16 -9.36 -2.81
C THR D 69 -0.33 -8.48 -4.03
N ILE D 70 -0.08 -7.20 -3.90
CA ILE D 70 -0.25 -6.32 -5.07
C ILE D 70 1.08 -5.68 -5.40
N THR D 71 1.50 -5.75 -6.65
CA THR D 71 2.77 -5.17 -7.10
C THR D 71 2.65 -4.44 -8.41
N SER D 72 3.68 -3.71 -8.78
CA SER D 72 3.71 -2.81 -9.95
C SER D 72 4.95 -2.96 -10.84
N ASP D 73 4.83 -2.86 -12.15
CA ASP D 73 5.99 -2.80 -13.06
C ASP D 73 5.84 -1.45 -13.74
N THR D 74 6.63 -0.48 -13.39
CA THR D 74 6.48 0.86 -13.99
C THR D 74 6.92 0.87 -15.45
N SER D 75 7.89 0.03 -15.79
CA SER D 75 8.48 -0.07 -17.13
C SER D 75 7.46 -0.57 -18.12
N ALA D 76 6.65 -1.48 -17.64
CA ALA D 76 5.61 -2.12 -18.44
C ALA D 76 4.30 -1.43 -18.21
N SER D 77 4.25 -0.51 -17.28
CA SER D 77 3.05 0.27 -16.94
C SER D 77 1.93 -0.68 -16.56
N THR D 78 2.20 -1.66 -15.72
CA THR D 78 1.27 -2.75 -15.32
C THR D 78 1.24 -2.95 -13.81
N VAL D 79 0.13 -3.39 -13.27
CA VAL D 79 -0.09 -3.65 -11.81
C VAL D 79 -0.60 -5.06 -11.67
N TYR D 80 -0.19 -5.81 -10.66
CA TYR D 80 -0.63 -7.22 -10.64
C TYR D 80 -1.15 -7.57 -9.29
N MET D 81 -2.07 -8.50 -9.25
CA MET D 81 -2.61 -8.94 -7.98
C MET D 81 -2.41 -10.43 -7.90
N GLU D 82 -1.78 -10.93 -6.86
CA GLU D 82 -1.63 -12.37 -6.73
C GLU D 82 -2.55 -12.87 -5.64
N LEU D 83 -3.42 -13.80 -5.91
CA LEU D 83 -4.24 -14.35 -4.83
C LEU D 83 -3.81 -15.79 -4.72
N SER D 84 -3.28 -16.14 -3.56
CA SER D 84 -2.66 -17.41 -3.17
C SER D 84 -3.68 -18.33 -2.51
N SER D 85 -3.37 -19.62 -2.49
CA SER D 85 -4.19 -20.65 -1.82
C SER D 85 -5.64 -20.46 -2.20
N LEU D 86 -5.96 -20.61 -3.46
CA LEU D 86 -7.30 -20.38 -4.01
C LEU D 86 -8.28 -21.41 -3.53
N ARG D 87 -9.53 -21.03 -3.50
CA ARG D 87 -10.65 -21.85 -3.04
C ARG D 87 -11.82 -21.66 -3.99
N SER D 88 -12.85 -22.48 -3.87
CA SER D 88 -14.03 -22.42 -4.77
C SER D 88 -14.72 -21.09 -4.67
N GLU D 89 -14.66 -20.50 -3.50
CA GLU D 89 -15.34 -19.25 -3.14
C GLU D 89 -14.69 -18.06 -3.80
N ASP D 90 -13.54 -18.28 -4.38
CA ASP D 90 -12.73 -17.24 -5.00
C ASP D 90 -13.01 -17.17 -6.48
N THR D 91 -14.05 -17.80 -6.92
CA THR D 91 -14.41 -17.71 -8.33
C THR D 91 -15.19 -16.42 -8.41
N ALA D 92 -14.57 -15.41 -8.97
CA ALA D 92 -15.15 -14.07 -9.11
C ALA D 92 -14.53 -13.35 -10.30
N VAL D 93 -15.11 -12.21 -10.68
CA VAL D 93 -14.53 -11.30 -11.71
C VAL D 93 -13.75 -10.29 -10.90
N TYR D 94 -12.47 -10.23 -11.15
CA TYR D 94 -11.51 -9.39 -10.43
C TYR D 94 -11.36 -8.12 -11.25
N TYR D 95 -11.66 -6.98 -10.68
CA TYR D 95 -11.68 -5.71 -11.42
C TYR D 95 -10.66 -4.71 -10.94
N CYS D 96 -10.14 -3.91 -11.85
CA CYS D 96 -9.21 -2.85 -11.45
C CYS D 96 -9.82 -1.45 -11.45
N ALA D 97 -9.48 -0.57 -10.54
CA ALA D 97 -10.03 0.78 -10.64
C ALA D 97 -8.95 1.79 -10.30
N GLY D 98 -9.04 2.99 -10.86
CA GLY D 98 -7.96 3.96 -10.66
C GLY D 98 -8.35 5.34 -10.26
N THR D 99 -7.62 5.89 -9.30
CA THR D 99 -7.71 7.26 -8.80
C THR D 99 -6.52 8.02 -9.40
N PHE D 103 -12.06 8.16 -6.07
CA PHE D 103 -12.32 8.52 -7.49
C PHE D 103 -12.15 7.30 -8.41
N VAL D 104 -12.71 7.28 -9.65
CA VAL D 104 -12.59 6.08 -10.53
C VAL D 104 -12.61 6.27 -12.08
N TYR D 105 -12.01 5.25 -12.73
CA TYR D 105 -11.81 4.76 -14.12
C TYR D 105 -11.78 3.25 -13.96
N TRP D 106 -12.47 2.46 -14.74
CA TRP D 106 -12.57 1.01 -14.44
C TRP D 106 -11.97 0.11 -15.50
N GLY D 107 -11.51 -1.04 -15.05
CA GLY D 107 -10.98 -2.19 -15.81
C GLY D 107 -12.09 -3.05 -16.32
N GLN D 108 -11.81 -3.88 -17.29
CA GLN D 108 -12.79 -4.75 -17.98
C GLN D 108 -13.30 -5.83 -17.06
N GLY D 109 -12.35 -6.44 -16.38
CA GLY D 109 -12.56 -7.55 -15.46
C GLY D 109 -11.80 -8.75 -15.90
N THR D 110 -11.29 -9.51 -14.96
CA THR D 110 -10.64 -10.77 -15.26
C THR D 110 -11.46 -11.82 -14.54
N LEU D 111 -11.89 -12.85 -15.21
CA LEU D 111 -12.60 -13.91 -14.48
C LEU D 111 -11.62 -14.98 -14.04
N VAL D 112 -11.63 -15.31 -12.78
CA VAL D 112 -10.80 -16.38 -12.23
C VAL D 112 -11.76 -17.45 -11.75
N THR D 113 -11.69 -18.63 -12.32
CA THR D 113 -12.58 -19.73 -11.93
C THR D 113 -11.80 -20.73 -11.13
N VAL D 114 -12.11 -20.91 -9.86
CA VAL D 114 -11.37 -21.94 -9.10
C VAL D 114 -12.29 -23.13 -8.93
N SER D 115 -11.93 -24.28 -9.47
CA SER D 115 -12.74 -25.51 -9.38
C SER D 115 -11.81 -26.70 -9.46
N SER D 116 -12.20 -27.83 -8.92
CA SER D 116 -11.34 -29.03 -8.93
C SER D 116 -11.52 -29.86 -10.15
N ALA D 117 -12.47 -29.52 -10.99
CA ALA D 117 -12.84 -30.27 -12.20
C ALA D 117 -11.83 -30.19 -13.31
N SER D 118 -11.60 -31.30 -14.02
CA SER D 118 -10.78 -31.31 -15.27
C SER D 118 -11.73 -31.19 -16.44
N THR D 119 -11.20 -30.87 -17.60
CA THR D 119 -11.98 -30.55 -18.79
C THR D 119 -13.02 -31.62 -19.05
N LYS D 120 -14.23 -31.25 -19.45
CA LYS D 120 -15.26 -32.28 -19.67
C LYS D 120 -16.25 -31.84 -20.74
N GLY D 121 -16.64 -32.68 -21.66
CA GLY D 121 -17.65 -32.32 -22.64
C GLY D 121 -19.00 -32.38 -22.02
N PRO D 122 -19.99 -31.64 -22.51
CA PRO D 122 -21.24 -31.61 -21.85
C PRO D 122 -22.23 -32.66 -22.30
N SER D 123 -23.07 -33.12 -21.39
CA SER D 123 -24.13 -34.05 -21.81
C SER D 123 -25.22 -33.17 -22.34
N VAL D 124 -25.80 -33.40 -23.48
CA VAL D 124 -26.82 -32.40 -23.91
C VAL D 124 -28.19 -33.04 -23.84
N PHE D 125 -29.19 -32.38 -23.30
CA PHE D 125 -30.48 -33.07 -23.19
C PHE D 125 -31.54 -32.28 -23.89
N PRO D 126 -32.46 -32.87 -24.65
CA PRO D 126 -33.44 -32.14 -25.38
C PRO D 126 -34.77 -32.06 -24.63
N LEU D 127 -35.33 -30.86 -24.49
CA LEU D 127 -36.59 -30.65 -23.75
C LEU D 127 -37.71 -30.31 -24.72
N ALA D 128 -38.71 -31.15 -24.74
CA ALA D 128 -39.87 -31.04 -25.62
C ALA D 128 -41.06 -30.58 -24.79
N PRO D 129 -42.12 -30.07 -25.39
CA PRO D 129 -43.22 -29.56 -24.65
C PRO D 129 -44.09 -30.61 -23.96
N SER D 130 -44.70 -30.24 -22.85
CA SER D 130 -45.63 -31.18 -22.22
C SER D 130 -47.02 -30.56 -22.29
N GLY D 137 -51.64 -21.73 -28.23
CA GLY D 137 -50.96 -20.63 -28.94
C GLY D 137 -49.49 -20.93 -29.15
N THR D 138 -48.64 -20.46 -28.26
CA THR D 138 -47.18 -20.63 -28.30
C THR D 138 -46.75 -21.98 -27.72
N ALA D 139 -45.53 -22.43 -28.01
CA ALA D 139 -44.98 -23.70 -27.48
C ALA D 139 -43.49 -23.53 -27.20
N ALA D 140 -42.92 -24.23 -26.21
CA ALA D 140 -41.49 -24.02 -25.89
C ALA D 140 -40.61 -25.26 -26.01
N LEU D 141 -39.53 -25.21 -26.81
CA LEU D 141 -38.56 -26.34 -26.86
C LEU D 141 -37.27 -25.88 -26.19
N GLY D 142 -36.48 -26.77 -25.62
CA GLY D 142 -35.25 -26.38 -24.93
C GLY D 142 -34.14 -27.39 -25.03
N CYS D 143 -32.91 -27.02 -24.75
CA CYS D 143 -31.77 -27.96 -24.74
C CYS D 143 -30.98 -27.68 -23.48
N LEU D 144 -30.59 -28.64 -22.68
CA LEU D 144 -29.78 -28.28 -21.52
C LEU D 144 -28.39 -28.81 -21.76
N VAL D 145 -27.38 -27.98 -21.58
CA VAL D 145 -25.98 -28.44 -21.73
C VAL D 145 -25.44 -28.66 -20.33
N LYS D 146 -25.34 -29.90 -19.91
CA LYS D 146 -24.90 -30.23 -18.55
C LYS D 146 -23.44 -30.65 -18.48
N ASP D 147 -22.75 -30.17 -17.46
CA ASP D 147 -21.37 -30.39 -16.96
C ASP D 147 -20.29 -30.36 -18.04
N TYR D 148 -19.43 -29.29 -18.14
CA TYR D 148 -18.37 -29.08 -19.17
C TYR D 148 -17.10 -28.34 -18.67
N PHE D 149 -15.98 -28.12 -19.47
CA PHE D 149 -14.77 -27.52 -18.84
C PHE D 149 -13.65 -27.46 -19.87
N PRO D 150 -13.24 -26.26 -20.35
CA PRO D 150 -13.47 -25.00 -19.63
C PRO D 150 -14.79 -24.33 -20.02
N GLU D 151 -14.98 -23.07 -19.62
CA GLU D 151 -16.21 -22.33 -19.93
C GLU D 151 -16.67 -22.11 -21.36
N PRO D 152 -15.91 -21.77 -22.39
CA PRO D 152 -16.63 -21.54 -23.65
C PRO D 152 -17.49 -22.71 -24.17
N VAL D 153 -18.80 -22.51 -24.36
CA VAL D 153 -19.72 -23.49 -25.01
C VAL D 153 -20.55 -22.71 -26.03
N THR D 154 -20.94 -23.24 -27.17
CA THR D 154 -21.71 -22.38 -28.12
C THR D 154 -23.02 -23.03 -28.52
N VAL D 155 -24.14 -22.38 -28.38
CA VAL D 155 -25.43 -23.07 -28.67
C VAL D 155 -26.20 -22.35 -29.76
N SER D 156 -26.63 -23.10 -30.75
CA SER D 156 -27.40 -22.56 -31.90
C SER D 156 -28.56 -23.49 -32.26
N TRP D 157 -29.57 -22.97 -32.92
CA TRP D 157 -30.72 -23.81 -33.27
C TRP D 157 -30.90 -23.76 -34.77
N ASN D 158 -31.07 -24.92 -35.39
CA ASN D 158 -31.24 -25.07 -36.86
C ASN D 158 -29.98 -24.57 -37.54
N SER D 159 -28.87 -24.89 -36.90
CA SER D 159 -27.52 -24.56 -37.38
C SER D 159 -27.43 -23.07 -37.62
N GLY D 160 -27.94 -22.29 -36.69
CA GLY D 160 -27.89 -20.83 -36.74
C GLY D 160 -29.08 -20.28 -37.46
N ALA D 161 -29.88 -21.13 -38.03
CA ALA D 161 -31.01 -20.66 -38.86
C ALA D 161 -32.07 -19.92 -38.06
N LEU D 162 -32.69 -20.56 -37.09
CA LEU D 162 -33.79 -19.93 -36.32
C LEU D 162 -33.25 -19.04 -35.21
N THR D 163 -33.75 -17.83 -35.10
CA THR D 163 -33.23 -16.91 -34.08
C THR D 163 -34.35 -16.20 -33.33
N SER D 164 -35.55 -16.21 -33.86
CA SER D 164 -36.62 -15.48 -33.16
C SER D 164 -37.18 -16.39 -32.07
N GLY D 165 -37.18 -15.93 -30.85
CA GLY D 165 -37.71 -16.72 -29.73
C GLY D 165 -36.63 -17.43 -28.98
N VAL D 166 -35.44 -17.54 -29.56
CA VAL D 166 -34.32 -18.23 -28.87
C VAL D 166 -33.84 -17.41 -27.69
N HIS D 167 -33.65 -18.06 -26.56
CA HIS D 167 -33.05 -17.45 -25.36
C HIS D 167 -32.13 -18.47 -24.71
N THR D 168 -30.83 -18.26 -24.84
CA THR D 168 -29.80 -19.11 -24.23
C THR D 168 -29.42 -18.38 -22.95
N PHE D 169 -29.72 -18.91 -21.78
CA PHE D 169 -29.41 -18.21 -20.52
C PHE D 169 -27.94 -18.36 -20.17
N PRO D 170 -27.40 -17.57 -19.23
CA PRO D 170 -26.02 -17.63 -18.84
C PRO D 170 -25.72 -18.98 -18.19
N ALA D 171 -24.45 -19.30 -18.10
CA ALA D 171 -24.05 -20.60 -17.57
C ALA D 171 -23.84 -20.48 -16.09
N VAL D 172 -24.16 -21.52 -15.32
CA VAL D 172 -23.89 -21.40 -13.88
C VAL D 172 -22.95 -22.49 -13.45
N LEU D 173 -21.81 -22.12 -12.91
CA LEU D 173 -20.88 -23.11 -12.37
C LEU D 173 -21.62 -23.67 -11.19
N GLN D 174 -21.71 -24.99 -11.08
CA GLN D 174 -22.43 -25.65 -9.98
C GLN D 174 -21.49 -25.92 -8.84
N SER D 175 -21.98 -26.66 -7.85
CA SER D 175 -21.22 -27.04 -6.65
C SER D 175 -20.08 -27.97 -7.02
N SER D 176 -20.33 -28.84 -7.98
CA SER D 176 -19.40 -29.87 -8.51
C SER D 176 -18.19 -29.25 -9.16
N GLY D 177 -18.27 -28.01 -9.58
CA GLY D 177 -17.14 -27.41 -10.29
C GLY D 177 -17.37 -27.46 -11.76
N LEU D 178 -18.58 -27.75 -12.14
CA LEU D 178 -18.93 -27.92 -13.54
C LEU D 178 -19.99 -26.91 -13.90
N TYR D 179 -20.00 -26.48 -15.13
CA TYR D 179 -20.93 -25.45 -15.63
C TYR D 179 -22.08 -26.14 -16.33
N SER D 180 -23.29 -25.61 -16.21
CA SER D 180 -24.50 -26.06 -16.94
C SER D 180 -25.15 -24.85 -17.60
N LEU D 181 -25.77 -25.05 -18.76
CA LEU D 181 -26.43 -23.98 -19.55
C LEU D 181 -27.82 -24.40 -20.02
N SER D 182 -28.71 -23.46 -20.32
CA SER D 182 -30.07 -23.81 -20.81
C SER D 182 -30.36 -23.04 -22.08
N SER D 183 -30.87 -23.68 -23.12
CA SER D 183 -31.30 -22.95 -24.33
C SER D 183 -32.75 -23.25 -24.53
N VAL D 184 -33.61 -22.26 -24.48
CA VAL D 184 -35.03 -22.50 -24.74
C VAL D 184 -35.49 -21.65 -25.90
N VAL D 185 -36.20 -22.25 -26.82
CA VAL D 185 -36.76 -21.51 -27.98
C VAL D 185 -38.25 -21.78 -27.96
N THR D 186 -39.02 -20.75 -28.21
CA THR D 186 -40.48 -20.84 -28.23
C THR D 186 -40.90 -20.62 -29.67
N VAL D 187 -41.67 -21.55 -30.19
CA VAL D 187 -42.14 -21.47 -31.58
C VAL D 187 -43.64 -21.67 -31.54
N PRO D 188 -44.41 -21.21 -32.53
CA PRO D 188 -45.81 -21.40 -32.46
C PRO D 188 -46.09 -22.89 -32.33
N SER D 189 -47.21 -23.24 -31.73
CA SER D 189 -47.67 -24.63 -31.49
C SER D 189 -47.94 -25.39 -32.77
N SER D 190 -48.43 -24.67 -33.76
CA SER D 190 -48.86 -25.19 -35.08
C SER D 190 -47.68 -25.81 -35.82
N SER D 191 -46.53 -25.17 -35.64
CA SER D 191 -45.21 -25.46 -36.26
C SER D 191 -44.61 -26.78 -35.82
N LEU D 192 -44.99 -27.33 -34.68
CA LEU D 192 -44.30 -28.53 -34.12
C LEU D 192 -44.34 -29.74 -35.03
N GLY D 193 -45.47 -30.12 -35.57
CA GLY D 193 -45.45 -31.37 -36.35
C GLY D 193 -44.56 -31.29 -37.56
N THR D 194 -44.56 -30.13 -38.21
CA THR D 194 -43.86 -29.95 -39.51
C THR D 194 -42.47 -29.37 -39.39
N GLN D 195 -42.34 -28.15 -38.91
CA GLN D 195 -40.96 -27.63 -38.86
C GLN D 195 -40.19 -28.50 -37.89
N THR D 196 -38.87 -28.63 -38.07
CA THR D 196 -38.07 -29.57 -37.25
C THR D 196 -36.96 -28.85 -36.50
N TYR D 197 -36.97 -28.77 -35.18
CA TYR D 197 -35.88 -28.04 -34.49
C TYR D 197 -34.76 -28.95 -33.95
N ILE D 198 -33.53 -28.43 -33.95
CA ILE D 198 -32.28 -29.10 -33.49
C ILE D 198 -31.49 -28.15 -32.59
N CYS D 199 -30.70 -28.68 -31.64
CA CYS D 199 -29.90 -27.84 -30.71
C CYS D 199 -28.51 -27.57 -31.34
N ASN D 200 -27.75 -28.63 -31.59
CA ASN D 200 -26.40 -28.55 -32.20
C ASN D 200 -25.49 -27.66 -31.33
N VAL D 201 -25.12 -28.14 -30.15
CA VAL D 201 -24.23 -27.38 -29.22
C VAL D 201 -22.76 -27.71 -29.54
N ASN D 202 -21.82 -27.09 -28.83
CA ASN D 202 -20.38 -27.34 -29.07
C ASN D 202 -19.56 -26.89 -27.85
N HIS D 203 -18.39 -27.52 -27.66
CA HIS D 203 -17.48 -27.20 -26.53
C HIS D 203 -16.08 -27.50 -27.02
N LYS D 204 -15.38 -26.52 -27.51
CA LYS D 204 -14.09 -26.77 -28.19
C LYS D 204 -12.94 -27.14 -27.28
N PRO D 205 -12.91 -26.86 -25.97
CA PRO D 205 -11.88 -27.37 -25.09
C PRO D 205 -11.77 -28.88 -24.96
N SER D 206 -12.86 -29.58 -25.23
CA SER D 206 -13.00 -31.03 -25.15
C SER D 206 -13.35 -31.59 -26.52
N ASN D 207 -13.23 -30.76 -27.56
CA ASN D 207 -13.56 -31.09 -28.95
C ASN D 207 -14.95 -31.72 -29.06
N THR D 208 -15.94 -31.12 -28.44
CA THR D 208 -17.23 -31.77 -28.42
C THR D 208 -18.13 -31.13 -29.44
N LYS D 209 -18.94 -31.86 -30.16
CA LYS D 209 -19.86 -31.22 -31.09
C LYS D 209 -21.03 -32.16 -31.09
N VAL D 210 -22.20 -31.70 -30.70
CA VAL D 210 -23.39 -32.56 -30.69
C VAL D 210 -24.58 -31.72 -31.09
N ASP D 211 -25.55 -32.36 -31.69
CA ASP D 211 -26.79 -31.67 -32.04
C ASP D 211 -27.89 -32.63 -31.65
N LYS D 212 -29.00 -32.17 -31.12
CA LYS D 212 -30.08 -33.05 -30.66
C LYS D 212 -31.31 -32.80 -31.49
N LYS D 213 -32.07 -33.81 -31.86
CA LYS D 213 -33.28 -33.62 -32.69
C LYS D 213 -34.38 -32.87 -31.96
N VAL D 214 -34.75 -33.24 -30.75
CA VAL D 214 -35.82 -32.51 -29.96
C VAL D 214 -37.17 -32.44 -30.68
N GLU D 215 -37.79 -33.58 -30.96
CA GLU D 215 -39.13 -33.61 -31.60
C GLU D 215 -40.03 -34.34 -30.61
N PRO D 216 -41.26 -33.88 -30.34
CA PRO D 216 -42.13 -34.56 -29.39
C PRO D 216 -42.82 -35.82 -29.94
N GLU E 1 0.46 2.15 12.90
CA GLU E 1 1.35 2.42 11.76
C GLU E 1 1.40 3.92 11.53
N VAL E 2 0.31 4.63 11.80
CA VAL E 2 0.26 6.11 11.61
C VAL E 2 1.06 6.76 12.72
N GLN E 3 1.94 7.67 12.33
CA GLN E 3 2.91 8.32 13.22
C GLN E 3 3.07 9.77 12.78
N LEU E 4 3.15 10.74 13.68
CA LEU E 4 3.30 12.17 13.27
C LEU E 4 4.54 12.77 13.92
N VAL E 5 5.54 13.21 13.17
CA VAL E 5 6.70 13.81 13.88
C VAL E 5 6.82 15.30 13.56
N GLN E 6 6.77 16.11 14.60
CA GLN E 6 6.85 17.57 14.52
C GLN E 6 8.28 18.04 14.56
N SER E 7 8.49 19.29 14.21
CA SER E 7 9.83 19.87 14.09
C SER E 7 10.42 20.17 15.46
N GLY E 8 11.67 20.63 15.47
CA GLY E 8 12.45 20.94 16.67
C GLY E 8 11.96 22.19 17.31
N ALA E 9 12.30 22.42 18.56
CA ALA E 9 11.78 23.59 19.26
C ALA E 9 12.43 24.83 18.69
N GLU E 10 11.69 25.92 18.72
CA GLU E 10 12.16 27.20 18.18
C GLU E 10 12.13 28.24 19.28
N VAL E 11 13.08 29.15 19.26
CA VAL E 11 13.12 30.32 20.17
C VAL E 11 13.17 31.53 19.25
N LYS E 12 12.18 32.41 19.33
CA LYS E 12 12.13 33.56 18.41
C LYS E 12 11.85 34.83 19.18
N LYS E 13 12.32 35.97 18.69
CA LYS E 13 12.09 37.27 19.34
C LYS E 13 10.68 37.76 19.00
N PRO E 14 10.03 38.58 19.83
CA PRO E 14 8.68 38.97 19.59
C PRO E 14 8.54 39.72 18.27
N GLY E 15 7.40 39.58 17.62
CA GLY E 15 7.14 40.23 16.33
C GLY E 15 7.68 39.44 15.17
N ALA E 16 8.38 38.35 15.42
CA ALA E 16 8.92 37.50 14.35
C ALA E 16 7.88 36.47 13.96
N SER E 17 8.30 35.44 13.27
CA SER E 17 7.28 34.47 12.81
C SER E 17 7.90 33.08 12.72
N VAL E 18 7.13 32.03 12.98
CA VAL E 18 7.72 30.66 13.05
C VAL E 18 6.91 29.65 12.25
N LYS E 19 7.57 28.72 11.57
CA LYS E 19 6.88 27.67 10.77
C LYS E 19 7.20 26.30 11.33
N VAL E 20 6.23 25.65 11.99
CA VAL E 20 6.31 24.31 12.65
C VAL E 20 5.79 23.28 11.67
N SER E 21 6.25 22.04 11.77
CA SER E 21 5.82 21.05 10.78
C SER E 21 5.57 19.70 11.41
N CYS E 22 4.47 19.03 11.07
CA CYS E 22 4.05 17.65 11.43
C CYS E 22 4.28 16.89 10.14
N LYS E 23 5.30 16.07 10.02
CA LYS E 23 5.41 15.27 8.79
C LYS E 23 4.67 14.00 9.11
N THR E 24 3.63 13.67 8.38
CA THR E 24 2.86 12.49 8.78
C THR E 24 3.15 11.34 7.83
N SER E 25 2.99 10.13 8.34
CA SER E 25 3.34 8.89 7.64
C SER E 25 2.50 7.73 8.15
N GLY E 26 1.75 7.04 7.31
CA GLY E 26 0.98 5.85 7.76
C GLY E 26 -0.40 5.80 7.17
N TYR E 27 -0.79 6.86 6.46
CA TYR E 27 -2.14 6.97 5.83
C TYR E 27 -2.09 6.50 4.37
N THR E 28 -2.83 5.43 4.08
CA THR E 28 -2.89 4.85 2.72
C THR E 28 -3.89 5.65 1.87
N PHE E 29 -4.36 6.78 2.40
CA PHE E 29 -5.33 7.64 1.68
C PHE E 29 -5.12 9.11 2.09
N THR E 30 -5.78 10.02 1.38
CA THR E 30 -5.67 11.48 1.67
C THR E 30 -6.96 11.98 2.33
N ASN E 31 -7.75 11.06 2.89
CA ASN E 31 -9.03 11.43 3.55
C ASN E 31 -8.79 11.59 5.06
N TYR E 32 -7.83 12.45 5.43
CA TYR E 32 -7.50 12.69 6.86
C TYR E 32 -7.13 14.16 7.06
N GLY E 33 -7.57 14.76 8.17
CA GLY E 33 -7.29 16.16 8.47
C GLY E 33 -6.31 16.31 9.60
N ILE E 34 -5.66 17.44 9.67
CA ILE E 34 -4.70 17.67 10.77
C ILE E 34 -5.14 18.91 11.52
N ASN E 35 -5.44 18.75 12.79
CA ASN E 35 -5.81 19.85 13.72
C ASN E 35 -4.54 20.43 14.30
N TRP E 36 -4.56 21.67 14.69
CA TRP E 36 -3.35 22.22 15.33
C TRP E 36 -3.82 22.86 16.62
N VAL E 37 -3.16 22.58 17.71
CA VAL E 37 -3.50 23.21 19.00
C VAL E 37 -2.22 23.60 19.71
N ARG E 38 -2.33 24.44 20.72
CA ARG E 38 -1.16 24.86 21.51
C ARG E 38 -1.52 24.83 22.99
N GLN E 39 -0.54 24.55 23.83
CA GLN E 39 -0.71 24.60 25.31
C GLN E 39 0.28 25.59 25.91
N ALA E 40 -0.19 26.74 26.37
CA ALA E 40 0.69 27.74 26.99
C ALA E 40 1.13 27.18 28.31
N PRO E 41 2.38 27.36 28.78
CA PRO E 41 2.89 26.64 29.93
C PRO E 41 2.09 26.76 31.22
N GLY E 42 1.79 25.61 31.81
CA GLY E 42 0.99 25.46 33.03
C GLY E 42 -0.43 25.84 32.74
N GLN E 43 -0.79 25.81 31.49
CA GLN E 43 -2.12 26.25 31.05
C GLN E 43 -2.77 25.20 30.17
N GLY E 44 -4.03 25.44 29.83
CA GLY E 44 -4.91 24.61 29.00
C GLY E 44 -4.66 24.75 27.52
N LEU E 45 -5.40 23.97 26.75
CA LEU E 45 -5.23 23.85 25.29
C LEU E 45 -6.16 24.78 24.53
N GLU E 46 -5.68 25.30 23.45
CA GLU E 46 -6.46 26.25 22.66
C GLU E 46 -6.15 25.95 21.21
N TRP E 47 -7.18 25.84 20.38
CA TRP E 47 -7.20 25.50 18.93
C TRP E 47 -6.72 26.64 18.06
N ILE E 48 -6.07 26.28 16.96
CA ILE E 48 -5.58 27.23 15.94
C ILE E 48 -6.24 26.93 14.60
N GLY E 49 -6.14 25.74 14.04
CA GLY E 49 -6.86 25.47 12.78
C GLY E 49 -6.94 24.02 12.38
N TYR E 50 -7.92 23.60 11.60
CA TYR E 50 -7.94 22.21 11.11
C TYR E 50 -7.75 22.28 9.61
N ILE E 51 -6.73 21.62 9.08
CA ILE E 51 -6.52 21.61 7.62
C ILE E 51 -6.79 20.22 7.09
N TYR E 52 -7.52 20.13 6.01
CA TYR E 52 -7.80 18.81 5.45
C TYR E 52 -6.84 18.57 4.29
N ILE E 53 -5.82 17.78 4.55
CA ILE E 53 -4.80 17.49 3.54
C ILE E 53 -5.38 16.35 2.74
N GLY E 54 -6.13 16.71 1.72
CA GLY E 54 -6.75 15.79 0.77
C GLY E 54 -7.31 16.63 -0.32
N ALA E 55 -8.03 17.65 0.09
CA ALA E 55 -8.54 18.71 -0.78
C ALA E 55 -7.69 19.93 -0.53
N GLY E 56 -7.32 20.15 0.73
CA GLY E 56 -6.47 21.27 1.12
C GLY E 56 -7.24 22.37 1.79
N ASP E 57 -8.47 22.11 2.17
CA ASP E 57 -9.27 23.17 2.81
C ASP E 57 -8.85 23.43 4.25
N THR E 58 -8.72 24.68 4.58
CA THR E 58 -8.26 25.14 5.90
C THR E 58 -9.31 25.98 6.60
N ASP E 59 -9.48 25.73 7.89
CA ASP E 59 -10.45 26.40 8.76
C ASP E 59 -9.65 26.94 9.93
N TYR E 60 -9.88 28.15 10.38
CA TYR E 60 -9.05 28.64 11.50
C TYR E 60 -9.93 29.18 12.60
N SER E 61 -9.31 29.35 13.75
CA SER E 61 -9.95 29.95 14.93
C SER E 61 -9.89 31.46 14.76
N GLU E 62 -10.80 32.18 15.38
CA GLU E 62 -10.85 33.64 15.23
C GLU E 62 -9.60 34.32 15.76
N LYS E 63 -9.06 33.83 16.87
CA LYS E 63 -7.91 34.50 17.49
C LYS E 63 -6.76 34.54 16.51
N PHE E 64 -6.55 33.47 15.78
CA PHE E 64 -5.35 33.39 14.92
C PHE E 64 -5.69 33.38 13.45
N LYS E 65 -6.92 33.68 13.09
CA LYS E 65 -7.19 33.55 11.66
C LYS E 65 -6.25 34.49 10.93
N GLY E 66 -6.12 35.72 11.36
CA GLY E 66 -5.28 36.59 10.54
C GLY E 66 -3.84 36.21 10.47
N ARG E 67 -3.21 35.93 11.59
CA ARG E 67 -1.74 35.71 11.66
C ARG E 67 -1.35 34.26 11.49
N ALA E 68 -2.31 33.35 11.34
CA ALA E 68 -1.98 31.91 11.30
C ALA E 68 -2.16 31.38 9.90
N THR E 69 -1.33 30.42 9.51
CA THR E 69 -1.45 29.85 8.16
C THR E 69 -1.17 28.35 8.14
N ILE E 70 -2.12 27.51 7.76
CA ILE E 70 -1.76 26.08 7.71
C ILE E 70 -1.68 25.66 6.25
N THR E 71 -0.61 25.00 5.86
CA THR E 71 -0.38 24.55 4.48
C THR E 71 0.03 23.09 4.46
N SER E 72 -0.18 22.40 3.36
CA SER E 72 0.24 20.99 3.24
C SER E 72 1.12 20.83 2.01
N ASP E 73 2.16 20.02 2.15
CA ASP E 73 3.09 19.71 1.03
C ASP E 73 2.97 18.21 0.87
N THR E 74 2.11 17.76 -0.01
CA THR E 74 1.71 16.35 -0.24
C THR E 74 2.86 15.47 -0.72
N SER E 75 3.77 15.99 -1.50
CA SER E 75 4.89 15.14 -1.95
C SER E 75 5.68 14.71 -0.73
N ALA E 76 6.05 15.68 0.10
CA ALA E 76 6.76 15.49 1.36
C ALA E 76 5.82 14.88 2.40
N SER E 77 4.53 15.14 2.24
CA SER E 77 3.44 14.60 3.08
C SER E 77 3.47 15.30 4.42
N THR E 78 3.89 16.54 4.46
CA THR E 78 4.08 17.16 5.77
C THR E 78 3.25 18.42 5.82
N VAL E 79 2.62 18.70 6.94
CA VAL E 79 1.75 19.90 7.14
C VAL E 79 2.55 20.91 7.92
N TYR E 80 2.30 22.19 7.71
CA TYR E 80 3.06 23.19 8.47
C TYR E 80 2.11 24.20 9.08
N MET E 81 2.44 24.72 10.26
CA MET E 81 1.63 25.78 10.87
C MET E 81 2.53 26.99 10.99
N GLU E 82 2.16 28.08 10.34
CA GLU E 82 3.01 29.27 10.46
C GLU E 82 2.26 30.39 11.15
N LEU E 83 2.79 30.83 12.28
CA LEU E 83 2.24 31.92 13.10
C LEU E 83 3.22 33.08 13.00
N SER E 84 2.70 34.26 12.72
CA SER E 84 3.56 35.43 12.50
C SER E 84 3.16 36.54 13.43
N SER E 85 3.99 37.56 13.47
CA SER E 85 3.80 38.71 14.37
C SER E 85 3.62 38.18 15.76
N LEU E 86 4.55 37.31 16.12
CA LEU E 86 4.63 36.58 17.38
C LEU E 86 4.73 37.56 18.51
N ARG E 87 4.20 37.13 19.64
CA ARG E 87 4.20 37.86 20.92
C ARG E 87 4.71 36.92 21.99
N SER E 88 4.85 37.45 23.20
CA SER E 88 5.32 36.79 24.42
C SER E 88 4.32 35.71 24.79
N GLU E 89 3.06 36.08 24.59
CA GLU E 89 1.80 35.40 24.88
C GLU E 89 1.71 34.13 24.08
N ASP E 90 2.48 34.05 23.02
CA ASP E 90 2.41 32.94 22.05
C ASP E 90 3.40 31.86 22.43
N THR E 91 3.93 31.94 23.62
CA THR E 91 4.93 30.94 24.07
C THR E 91 4.14 29.75 24.57
N ALA E 92 4.22 28.68 23.83
CA ALA E 92 3.42 27.48 24.13
C ALA E 92 4.00 26.28 23.41
N VAL E 93 3.43 25.12 23.68
CA VAL E 93 3.84 23.89 22.98
C VAL E 93 2.77 23.67 21.97
N TYR E 94 3.15 23.58 20.69
CA TYR E 94 2.27 23.46 19.53
C TYR E 94 2.12 22.00 19.13
N TYR E 95 0.89 21.51 19.14
CA TYR E 95 0.64 20.10 18.85
C TYR E 95 -0.07 19.77 17.55
N CYS E 96 0.45 18.81 16.82
CA CYS E 96 -0.31 18.24 15.68
C CYS E 96 -1.07 16.96 15.76
N ALA E 97 -2.38 17.01 15.65
CA ALA E 97 -3.25 15.85 15.83
C ALA E 97 -3.78 15.38 14.49
N GLY E 98 -3.50 14.16 14.09
CA GLY E 98 -4.02 13.64 12.84
C GLY E 98 -5.26 12.83 13.03
N THR E 99 -6.42 13.47 12.95
CA THR E 99 -7.72 12.78 12.97
C THR E 99 -8.01 12.25 11.56
N GLY E 100 -8.36 10.98 11.48
CA GLY E 100 -8.58 10.20 10.25
C GLY E 100 -9.99 9.73 10.22
N THR E 101 -10.28 8.44 10.02
CA THR E 101 -11.73 8.13 10.00
C THR E 101 -12.12 7.23 11.18
N ARG E 102 -11.19 6.63 11.89
CA ARG E 102 -11.69 5.87 13.04
C ARG E 102 -10.87 6.23 14.28
N PHE E 103 -9.62 6.61 14.07
CA PHE E 103 -8.67 6.87 15.18
C PHE E 103 -8.02 8.24 15.06
N VAL E 104 -7.71 8.87 16.18
CA VAL E 104 -7.02 10.18 16.25
C VAL E 104 -5.60 9.94 16.73
N TYR E 105 -4.62 10.65 16.19
CA TYR E 105 -3.20 10.46 16.53
C TYR E 105 -2.56 11.80 16.74
N TRP E 106 -1.54 11.87 17.58
CA TRP E 106 -0.98 13.17 17.96
C TRP E 106 0.49 13.22 17.68
N GLY E 107 0.98 14.41 17.44
CA GLY E 107 2.41 14.65 17.25
C GLY E 107 3.10 14.75 18.59
N GLN E 108 4.41 14.83 18.59
CA GLN E 108 5.18 14.94 19.84
C GLN E 108 4.89 16.26 20.52
N GLY E 109 4.76 17.27 19.71
CA GLY E 109 4.61 18.67 20.11
C GLY E 109 5.90 19.39 19.81
N THR E 110 5.84 20.69 19.55
CA THR E 110 7.04 21.51 19.33
C THR E 110 6.95 22.69 20.25
N LEU E 111 7.99 23.04 20.97
CA LEU E 111 7.83 24.18 21.88
C LEU E 111 8.39 25.41 21.18
N VAL E 112 7.60 26.47 21.08
CA VAL E 112 8.01 27.73 20.44
C VAL E 112 8.16 28.69 21.59
N THR E 113 9.32 29.28 21.80
CA THR E 113 9.50 30.23 22.92
C THR E 113 9.63 31.65 22.39
N VAL E 114 8.75 32.56 22.75
CA VAL E 114 8.82 33.96 22.23
C VAL E 114 9.16 34.94 23.34
N SER E 115 10.33 35.54 23.36
CA SER E 115 10.70 36.45 24.45
C SER E 115 11.65 37.49 23.91
N SER E 116 11.69 38.69 24.48
CA SER E 116 12.63 39.74 24.03
C SER E 116 13.99 39.56 24.68
N ALA E 117 14.05 38.61 25.61
CA ALA E 117 15.23 38.25 26.39
C ALA E 117 16.31 37.72 25.48
N SER E 118 17.55 38.07 25.76
CA SER E 118 18.71 37.65 24.96
C SER E 118 19.38 36.49 25.68
N THR E 119 19.94 35.55 24.96
CA THR E 119 20.50 34.33 25.57
C THR E 119 21.50 34.64 26.66
N LYS E 120 21.28 34.07 27.84
CA LYS E 120 22.13 34.30 29.01
C LYS E 120 22.54 32.96 29.55
N GLY E 121 23.78 32.86 29.99
CA GLY E 121 24.27 31.65 30.64
C GLY E 121 23.77 31.63 32.04
N PRO E 122 23.57 30.47 32.65
CA PRO E 122 23.03 30.41 33.97
C PRO E 122 24.11 30.60 35.03
N SER E 123 23.74 31.24 36.14
CA SER E 123 24.65 31.38 37.28
C SER E 123 24.37 30.16 38.14
N VAL E 124 25.27 29.21 38.26
CA VAL E 124 24.96 28.00 39.05
C VAL E 124 25.54 28.14 40.44
N PHE E 125 24.70 27.97 41.44
CA PHE E 125 25.05 28.08 42.87
C PHE E 125 25.00 26.70 43.51
N PRO E 126 26.01 26.27 44.27
CA PRO E 126 26.03 24.95 44.83
C PRO E 126 25.42 24.96 46.22
N LEU E 127 24.62 23.98 46.55
CA LEU E 127 23.91 23.92 47.85
C LEU E 127 24.22 22.62 48.56
N ALA E 128 24.75 22.78 49.75
CA ALA E 128 25.13 21.65 50.59
C ALA E 128 24.33 21.71 51.87
N PRO E 129 24.28 20.58 52.58
CA PRO E 129 23.52 20.42 53.76
C PRO E 129 23.67 21.61 54.70
N SER E 130 22.64 21.84 55.50
CA SER E 130 22.57 22.94 56.46
C SER E 130 23.05 22.46 57.83
N SER E 131 23.13 23.36 58.80
CA SER E 131 23.57 22.92 60.13
C SER E 131 22.55 21.91 60.61
N LYS E 132 23.02 20.71 60.96
CA LYS E 132 22.19 19.58 61.43
C LYS E 132 21.20 19.24 60.34
N SER E 133 21.68 18.89 59.16
CA SER E 133 20.71 18.53 58.09
C SER E 133 20.93 17.08 57.71
N THR E 134 22.10 16.55 58.04
CA THR E 134 22.46 15.18 57.63
C THR E 134 21.46 14.28 58.28
N SER E 135 21.34 14.47 59.59
CA SER E 135 20.44 13.75 60.52
C SER E 135 19.13 13.40 59.83
N GLY E 136 19.06 12.15 59.39
CA GLY E 136 17.92 11.53 58.70
C GLY E 136 18.37 10.22 58.07
N GLY E 137 19.60 9.81 58.38
CA GLY E 137 20.29 8.65 57.81
C GLY E 137 21.10 9.08 56.61
N THR E 138 20.47 9.80 55.70
CA THR E 138 21.03 10.23 54.41
C THR E 138 20.93 11.75 54.28
N ALA E 139 21.71 12.40 53.44
CA ALA E 139 21.58 13.86 53.31
C ALA E 139 21.32 14.27 51.87
N ALA E 140 21.19 15.58 51.64
CA ALA E 140 20.79 16.06 50.31
C ALA E 140 21.65 17.23 49.83
N LEU E 141 22.15 17.13 48.61
CA LEU E 141 22.94 18.20 47.98
C LEU E 141 22.15 18.80 46.83
N GLY E 142 22.38 20.05 46.53
CA GLY E 142 21.66 20.65 45.40
C GLY E 142 22.66 21.49 44.67
N CYS E 143 22.21 22.11 43.60
CA CYS E 143 22.91 23.13 42.81
C CYS E 143 21.76 23.83 42.12
N LEU E 144 21.55 25.12 42.30
CA LEU E 144 20.44 25.80 41.62
C LEU E 144 20.97 26.49 40.36
N VAL E 145 20.30 26.34 39.24
CA VAL E 145 20.73 26.97 37.97
C VAL E 145 19.93 28.24 37.82
N LYS E 146 20.53 29.41 37.96
CA LYS E 146 19.69 30.60 37.96
C LYS E 146 20.02 31.55 36.82
N ASP E 147 19.03 32.34 36.42
CA ASP E 147 19.13 33.39 35.40
C ASP E 147 19.65 32.90 34.06
N TYR E 148 18.83 32.25 33.27
CA TYR E 148 19.32 31.81 31.95
C TYR E 148 18.20 31.82 30.94
N PHE E 149 18.58 32.02 29.70
CA PHE E 149 17.67 32.08 28.54
C PHE E 149 18.37 31.47 27.37
N PRO E 150 17.76 30.69 26.47
CA PRO E 150 16.46 30.14 26.64
C PRO E 150 16.46 28.78 27.30
N GLU E 151 15.45 28.00 27.05
CA GLU E 151 15.42 26.64 27.62
C GLU E 151 15.95 25.73 26.53
N PRO E 152 16.74 24.68 26.75
CA PRO E 152 16.81 23.94 27.96
C PRO E 152 18.17 23.89 28.65
N VAL E 153 18.19 23.29 29.83
CA VAL E 153 19.38 23.10 30.67
C VAL E 153 19.41 21.62 30.99
N THR E 154 20.51 20.93 30.76
CA THR E 154 20.63 19.50 31.12
C THR E 154 21.53 19.43 32.34
N VAL E 155 21.02 18.89 33.43
CA VAL E 155 21.83 18.77 34.67
C VAL E 155 22.12 17.30 34.94
N SER E 156 23.35 17.00 35.30
CA SER E 156 23.80 15.64 35.61
C SER E 156 24.75 15.67 36.79
N TRP E 157 24.86 14.63 37.58
CA TRP E 157 25.78 14.68 38.73
C TRP E 157 26.86 13.66 38.51
N ASN E 158 28.10 14.06 38.63
CA ASN E 158 29.28 13.21 38.42
C ASN E 158 29.40 12.69 37.00
N SER E 159 29.02 13.52 36.04
CA SER E 159 29.02 13.22 34.59
C SER E 159 28.11 12.05 34.25
N GLY E 160 26.94 12.02 34.85
CA GLY E 160 25.94 10.98 34.57
C GLY E 160 26.08 9.74 35.41
N ALA E 161 27.14 9.63 36.20
CA ALA E 161 27.40 8.49 37.10
C ALA E 161 26.43 8.43 38.27
N LEU E 162 26.11 9.56 38.83
CA LEU E 162 25.14 9.61 39.94
C LEU E 162 23.77 9.63 39.31
N THR E 163 22.95 8.64 39.60
CA THR E 163 21.64 8.59 38.95
C THR E 163 20.54 8.38 39.96
N SER E 164 20.84 7.73 41.07
CA SER E 164 19.82 7.44 42.11
C SER E 164 19.75 8.58 43.10
N GLY E 165 18.57 9.13 43.30
CA GLY E 165 18.42 10.20 44.29
C GLY E 165 18.39 11.54 43.63
N VAL E 166 18.74 11.57 42.36
CA VAL E 166 18.81 12.82 41.58
C VAL E 166 17.43 13.23 41.14
N HIS E 167 17.11 14.47 41.41
CA HIS E 167 15.79 14.98 41.00
C HIS E 167 15.96 16.40 40.48
N THR E 168 15.72 16.61 39.20
CA THR E 168 15.84 17.93 38.57
C THR E 168 14.43 18.45 38.35
N PHE E 169 14.04 19.50 39.03
CA PHE E 169 12.65 19.99 38.97
C PHE E 169 12.43 20.87 37.77
N PRO E 170 11.19 21.01 37.29
CA PRO E 170 10.88 21.77 36.14
C PRO E 170 11.28 23.23 36.33
N ALA E 171 11.66 23.88 35.25
CA ALA E 171 12.14 25.26 35.29
C ALA E 171 10.99 26.21 35.55
N VAL E 172 11.33 27.39 36.03
CA VAL E 172 10.32 28.42 36.36
C VAL E 172 10.72 29.68 35.64
N LEU E 173 9.82 30.31 34.94
CA LEU E 173 10.22 31.55 34.29
C LEU E 173 9.88 32.67 35.24
N GLN E 174 10.88 33.47 35.54
CA GLN E 174 10.70 34.56 36.49
C GLN E 174 10.15 35.78 35.79
N SER E 175 9.94 36.83 36.56
CA SER E 175 9.40 38.10 36.06
C SER E 175 10.43 38.75 35.16
N SER E 176 11.68 38.43 35.38
CA SER E 176 12.77 39.02 34.59
C SER E 176 12.85 38.33 33.26
N GLY E 177 12.07 37.29 33.06
CA GLY E 177 12.08 36.60 31.76
C GLY E 177 13.21 35.65 31.64
N LEU E 178 13.79 35.24 32.75
CA LEU E 178 14.93 34.31 32.73
C LEU E 178 14.55 33.11 33.55
N TYR E 179 14.88 31.92 33.09
CA TYR E 179 14.48 30.70 33.82
C TYR E 179 15.42 30.42 34.98
N SER E 180 14.91 29.77 36.00
CA SER E 180 15.68 29.30 37.16
C SER E 180 15.37 27.82 37.31
N LEU E 181 16.35 27.02 37.68
CA LEU E 181 16.11 25.56 37.79
C LEU E 181 16.70 25.03 39.08
N SER E 182 16.17 23.96 39.60
CA SER E 182 16.77 23.39 40.83
C SER E 182 17.04 21.91 40.64
N SER E 183 18.23 21.45 40.96
CA SER E 183 18.55 20.00 40.88
C SER E 183 19.07 19.58 42.25
N VAL E 184 18.49 18.57 42.85
CA VAL E 184 18.90 18.14 44.21
C VAL E 184 19.20 16.66 44.16
N VAL E 185 20.15 16.18 44.93
CA VAL E 185 20.42 14.72 44.98
C VAL E 185 20.48 14.29 46.43
N THR E 186 19.93 13.14 46.77
CA THR E 186 19.97 12.67 48.17
C THR E 186 21.00 11.54 48.25
N VAL E 187 21.94 11.68 49.17
CA VAL E 187 23.07 10.72 49.27
C VAL E 187 23.27 10.33 50.70
N PRO E 188 23.78 9.14 50.99
CA PRO E 188 24.03 8.77 52.33
C PRO E 188 25.04 9.77 52.89
N SER E 189 24.83 10.17 54.13
CA SER E 189 25.64 11.13 54.92
C SER E 189 27.03 10.57 55.20
N SER E 190 27.15 9.26 55.11
CA SER E 190 28.37 8.53 55.44
C SER E 190 29.51 8.93 54.53
N SER E 191 29.19 9.56 53.42
CA SER E 191 30.21 9.77 52.36
C SER E 191 30.50 11.20 52.02
N LEU E 192 29.90 12.15 52.68
CA LEU E 192 30.13 13.51 52.17
C LEU E 192 31.59 13.90 52.22
N GLY E 193 32.28 13.71 53.31
CA GLY E 193 33.69 14.13 53.22
C GLY E 193 34.43 13.28 52.22
N THR E 194 34.24 11.97 52.28
CA THR E 194 34.99 11.05 51.40
C THR E 194 34.63 11.19 49.93
N GLN E 195 33.38 10.95 49.53
CA GLN E 195 32.96 10.98 48.10
C GLN E 195 32.73 12.40 47.60
N THR E 196 33.11 12.64 46.34
CA THR E 196 33.04 13.97 45.70
C THR E 196 31.84 14.01 44.77
N TYR E 197 31.03 15.05 44.85
CA TYR E 197 29.78 15.19 44.09
C TYR E 197 29.78 16.51 43.32
N ILE E 198 29.50 16.50 42.02
CA ILE E 198 29.55 17.77 41.25
C ILE E 198 28.30 17.79 40.37
N CYS E 199 27.53 18.87 40.33
CA CYS E 199 26.36 18.95 39.39
C CYS E 199 26.93 19.53 38.08
N ASN E 200 26.58 18.95 36.92
CA ASN E 200 27.17 19.41 35.67
C ASN E 200 26.05 20.10 34.92
N VAL E 201 26.03 21.41 34.83
CA VAL E 201 24.94 22.09 34.10
C VAL E 201 25.42 22.28 32.68
N ASN E 202 24.55 22.02 31.69
CA ASN E 202 24.94 22.11 30.27
C ASN E 202 24.66 23.50 29.67
N HIS E 203 23.38 23.82 29.44
CA HIS E 203 22.95 25.11 28.82
C HIS E 203 23.64 25.26 27.46
N LYS E 204 23.21 24.43 26.49
CA LYS E 204 23.79 24.39 25.12
C LYS E 204 23.57 25.70 24.37
N PRO E 205 22.36 26.32 24.40
CA PRO E 205 22.13 27.52 23.66
C PRO E 205 23.16 28.59 23.98
N SER E 206 23.91 28.40 25.02
CA SER E 206 24.87 29.42 25.47
C SER E 206 26.29 28.96 25.21
N ASN E 207 26.41 27.65 25.03
CA ASN E 207 27.62 26.89 24.74
C ASN E 207 28.47 26.77 25.96
N THR E 208 27.86 26.97 27.09
CA THR E 208 28.56 27.01 28.38
C THR E 208 28.16 25.81 29.21
N LYS E 209 29.10 24.99 29.62
CA LYS E 209 28.77 23.89 30.53
C LYS E 209 29.55 24.17 31.80
N VAL E 210 28.88 24.29 32.92
CA VAL E 210 29.55 24.67 34.19
C VAL E 210 29.53 23.49 35.14
N ASP E 211 30.63 23.17 35.77
CA ASP E 211 30.67 22.03 36.70
C ASP E 211 30.98 22.57 38.07
N LYS E 212 30.07 22.40 39.03
CA LYS E 212 30.19 22.92 40.41
C LYS E 212 30.50 21.79 41.34
N LYS E 213 31.31 22.03 42.38
CA LYS E 213 31.68 20.98 43.37
C LYS E 213 30.61 20.93 44.47
N VAL E 214 30.38 22.07 45.14
CA VAL E 214 29.37 22.18 46.24
C VAL E 214 29.67 21.15 47.33
N GLU E 215 30.76 21.34 48.08
CA GLU E 215 31.14 20.41 49.17
C GLU E 215 30.74 21.00 50.53
N PRO E 216 30.42 20.17 51.55
CA PRO E 216 30.03 20.67 52.84
C PRO E 216 31.17 21.41 53.56
N GLU F 1 -19.22 32.05 25.39
CA GLU F 1 -19.92 31.44 24.23
C GLU F 1 -20.13 29.94 24.51
N VAL F 2 -19.07 29.14 24.40
CA VAL F 2 -19.14 27.67 24.64
C VAL F 2 -18.18 27.31 25.78
N GLN F 3 -18.63 26.49 26.73
CA GLN F 3 -17.80 26.07 27.89
C GLN F 3 -17.55 24.56 27.80
N LEU F 4 -16.84 24.01 28.79
CA LEU F 4 -16.54 22.55 28.83
C LEU F 4 -17.09 21.95 30.12
N VAL F 5 -17.16 22.76 31.19
CA VAL F 5 -17.67 22.39 32.55
C VAL F 5 -17.24 20.96 32.91
N GLN F 6 -15.93 20.76 33.15
CA GLN F 6 -15.38 19.43 33.52
C GLN F 6 -15.46 19.25 35.04
N SER F 7 -15.07 18.07 35.52
CA SER F 7 -15.10 17.76 36.98
C SER F 7 -13.78 18.19 37.64
N GLY F 8 -13.66 17.96 38.95
CA GLY F 8 -12.44 18.33 39.70
C GLY F 8 -11.39 17.24 39.64
N ALA F 9 -10.24 17.46 40.30
CA ALA F 9 -9.13 16.47 40.31
C ALA F 9 -9.56 15.22 41.10
N GLU F 10 -9.05 14.06 40.70
CA GLU F 10 -9.38 12.78 41.37
C GLU F 10 -8.10 12.05 41.72
N VAL F 11 -8.08 11.34 42.84
CA VAL F 11 -6.87 10.56 43.18
C VAL F 11 -7.31 9.16 43.62
N LYS F 12 -6.76 8.13 42.99
CA LYS F 12 -7.13 6.72 43.27
C LYS F 12 -5.89 5.84 43.31
N LYS F 13 -6.09 4.61 43.74
CA LYS F 13 -5.01 3.62 43.88
C LYS F 13 -5.14 2.60 42.79
N PRO F 14 -4.08 1.88 42.47
CA PRO F 14 -4.11 0.94 41.40
C PRO F 14 -5.22 -0.08 41.58
N GLY F 15 -5.91 -0.36 40.49
CA GLY F 15 -7.00 -1.32 40.46
C GLY F 15 -8.35 -0.68 40.51
N ALA F 16 -8.41 0.62 40.71
CA ALA F 16 -9.71 1.28 40.85
C ALA F 16 -10.22 1.81 39.53
N SER F 17 -11.24 2.64 39.59
CA SER F 17 -11.90 3.25 38.41
C SER F 17 -12.32 4.68 38.71
N VAL F 18 -12.35 5.53 37.71
CA VAL F 18 -12.67 6.96 37.87
C VAL F 18 -13.56 7.42 36.71
N LYS F 19 -14.55 8.28 36.95
CA LYS F 19 -15.40 8.77 35.87
C LYS F 19 -15.34 10.29 35.81
N VAL F 20 -14.63 10.88 34.85
CA VAL F 20 -14.53 12.36 34.66
C VAL F 20 -15.80 12.89 33.98
N SER F 21 -16.11 14.20 34.02
CA SER F 21 -17.33 14.78 33.40
C SER F 21 -17.05 16.07 32.62
N CYS F 22 -17.87 16.37 31.61
CA CYS F 22 -17.83 17.59 30.77
C CYS F 22 -19.30 18.01 30.66
N LYS F 23 -19.60 19.30 30.80
CA LYS F 23 -21.00 19.74 30.60
C LYS F 23 -20.95 20.77 29.49
N THR F 24 -21.51 20.43 28.34
CA THR F 24 -21.48 21.26 27.14
C THR F 24 -22.52 22.35 27.29
N SER F 25 -22.25 23.55 26.77
CA SER F 25 -23.18 24.67 27.02
C SER F 25 -23.47 25.50 25.77
N GLY F 26 -24.36 25.02 24.90
CA GLY F 26 -24.75 25.72 23.65
C GLY F 26 -24.98 24.76 22.50
N TYR F 32 -22.64 17.00 16.37
CA TYR F 32 -22.21 17.45 17.71
C TYR F 32 -21.73 16.27 18.56
N GLY F 33 -20.42 16.09 18.67
CA GLY F 33 -19.83 14.98 19.42
C GLY F 33 -18.58 15.45 20.13
N ILE F 34 -18.20 14.75 21.20
CA ILE F 34 -17.09 15.12 22.12
C ILE F 34 -16.00 14.05 22.21
N ASN F 35 -14.74 14.47 22.13
CA ASN F 35 -13.57 13.57 22.20
C ASN F 35 -12.87 13.71 23.52
N TRP F 36 -12.16 12.67 23.93
CA TRP F 36 -11.40 12.67 25.21
C TRP F 36 -9.96 12.35 24.93
N VAL F 37 -9.06 13.15 25.45
CA VAL F 37 -7.59 12.91 25.31
C VAL F 37 -6.94 13.04 26.67
N ARG F 38 -5.77 12.44 26.84
CA ARG F 38 -5.12 12.47 28.16
C ARG F 38 -3.70 13.00 28.05
N GLN F 39 -3.17 13.66 29.06
CA GLN F 39 -1.75 14.05 29.02
C GLN F 39 -1.05 13.54 30.26
N ALA F 40 -0.11 12.64 30.10
CA ALA F 40 0.75 12.14 31.20
C ALA F 40 1.73 13.25 31.54
N PRO F 41 2.38 13.26 32.70
CA PRO F 41 3.18 14.41 33.08
C PRO F 41 4.49 14.64 32.35
N GLY F 42 4.54 15.77 31.65
CA GLY F 42 5.69 16.23 30.86
C GLY F 42 5.74 15.55 29.52
N GLN F 43 4.85 14.61 29.33
CA GLN F 43 4.77 13.82 28.07
C GLN F 43 3.69 14.40 27.17
N GLY F 44 3.45 13.89 25.97
CA GLY F 44 2.46 14.50 25.06
C GLY F 44 1.04 14.02 25.23
N LEU F 45 0.15 14.39 24.31
CA LEU F 45 -1.30 14.04 24.26
C LEU F 45 -1.59 12.65 23.68
N GLU F 46 -2.66 12.02 24.11
CA GLU F 46 -3.05 10.68 23.66
C GLU F 46 -4.55 10.61 23.56
N TRP F 47 -5.12 10.29 22.41
CA TRP F 47 -6.59 10.22 22.23
C TRP F 47 -7.16 9.07 23.01
N ILE F 48 -8.35 9.20 23.60
CA ILE F 48 -8.93 8.03 24.31
C ILE F 48 -10.20 7.55 23.64
N GLY F 49 -10.94 8.44 23.01
CA GLY F 49 -12.17 8.00 22.36
C GLY F 49 -13.06 9.14 21.97
N TYR F 50 -14.19 8.85 21.35
CA TYR F 50 -15.13 9.92 20.96
C TYR F 50 -16.55 9.40 21.13
N ILE F 51 -17.50 10.30 21.30
CA ILE F 51 -18.92 9.89 21.44
C ILE F 51 -19.79 10.84 20.63
N TYR F 52 -20.81 10.32 19.95
CA TYR F 52 -21.75 11.19 19.19
C TYR F 52 -22.98 11.29 20.05
N ILE F 53 -23.36 12.49 20.44
CA ILE F 53 -24.51 12.66 21.34
C ILE F 53 -25.83 12.59 20.57
N GLY F 54 -25.80 12.65 19.25
CA GLY F 54 -27.04 12.52 18.50
C GLY F 54 -27.59 11.12 18.59
N ALA F 55 -26.70 10.15 18.62
CA ALA F 55 -27.12 8.73 18.66
C ALA F 55 -26.44 8.02 19.80
N GLY F 56 -25.38 8.59 20.35
CA GLY F 56 -24.68 7.93 21.47
C GLY F 56 -23.68 6.89 20.98
N ASP F 57 -23.42 6.89 19.68
CA ASP F 57 -22.44 5.95 19.08
C ASP F 57 -21.03 6.41 19.45
N THR F 58 -20.17 5.47 19.83
CA THR F 58 -18.84 5.88 20.32
C THR F 58 -17.74 5.04 19.71
N ASP F 59 -16.54 5.59 19.66
CA ASP F 59 -15.32 4.96 19.09
C ASP F 59 -14.20 5.14 20.10
N TYR F 60 -13.25 4.21 20.18
CA TYR F 60 -12.15 4.21 21.17
C TYR F 60 -10.78 3.94 20.57
N SER F 61 -9.74 4.26 21.33
CA SER F 61 -8.34 3.95 20.99
C SER F 61 -8.11 2.47 21.19
N GLU F 62 -7.12 1.89 20.53
CA GLU F 62 -6.82 0.46 20.73
C GLU F 62 -6.32 0.27 22.15
N LYS F 63 -5.56 1.25 22.60
CA LYS F 63 -4.95 1.19 23.93
C LYS F 63 -6.08 1.13 24.92
N PHE F 64 -7.12 1.88 24.64
CA PHE F 64 -8.25 1.97 25.57
C PHE F 64 -9.42 1.17 25.02
N LYS F 65 -9.12 0.17 24.19
CA LYS F 65 -10.16 -0.69 23.57
C LYS F 65 -11.26 -0.97 24.61
N GLY F 66 -10.97 -1.83 25.58
CA GLY F 66 -11.94 -2.17 26.64
C GLY F 66 -11.40 -1.88 28.03
N ARG F 67 -11.19 -0.60 28.34
CA ARG F 67 -10.66 -0.18 29.67
C ARG F 67 -11.31 1.15 30.08
N ALA F 68 -11.95 1.82 29.12
CA ALA F 68 -12.61 3.12 29.39
C ALA F 68 -13.83 3.28 28.48
N THR F 69 -15.04 3.33 29.07
CA THR F 69 -16.29 3.47 28.29
C THR F 69 -16.78 4.92 28.39
N ILE F 70 -17.30 5.47 27.28
CA ILE F 70 -17.79 6.86 27.24
C ILE F 70 -19.32 6.86 27.16
N THR F 71 -19.97 7.76 27.88
CA THR F 71 -21.46 7.79 27.87
C THR F 71 -21.96 9.23 27.84
N SER F 72 -23.20 9.45 27.45
CA SER F 72 -23.71 10.83 27.39
C SER F 72 -25.06 10.90 28.10
N ASP F 73 -25.22 11.86 29.02
CA ASP F 73 -26.54 12.07 29.65
C ASP F 73 -27.11 13.30 28.98
N THR F 74 -28.03 13.12 28.07
CA THR F 74 -28.52 14.25 27.26
C THR F 74 -29.12 15.32 28.14
N SER F 75 -29.90 14.88 29.13
CA SER F 75 -30.68 15.75 30.02
C SER F 75 -29.76 16.70 30.75
N ALA F 76 -28.73 16.16 31.38
CA ALA F 76 -27.69 17.00 32.03
C ALA F 76 -26.85 17.64 30.94
N SER F 77 -26.91 17.07 29.75
CA SER F 77 -26.09 17.54 28.62
C SER F 77 -24.65 17.42 29.08
N THR F 78 -24.27 16.26 29.60
CA THR F 78 -22.91 16.04 30.12
C THR F 78 -22.43 14.68 29.62
N VAL F 79 -21.13 14.55 29.42
CA VAL F 79 -20.49 13.31 28.89
C VAL F 79 -19.54 12.82 29.96
N TYR F 80 -19.42 11.51 30.11
CA TYR F 80 -18.59 10.94 31.18
C TYR F 80 -17.62 9.96 30.57
N MET F 81 -16.39 9.95 31.06
CA MET F 81 -15.38 8.98 30.59
C MET F 81 -15.07 8.15 31.81
N GLU F 82 -15.23 6.85 31.79
CA GLU F 82 -14.89 6.09 32.99
C GLU F 82 -13.72 5.21 32.63
N LEU F 83 -12.67 5.20 33.43
CA LEU F 83 -11.52 4.35 33.07
C LEU F 83 -11.41 3.37 34.21
N SER F 84 -11.23 2.10 33.92
CA SER F 84 -11.27 1.07 34.97
C SER F 84 -9.91 0.43 35.14
N SER F 85 -9.77 -0.30 36.24
CA SER F 85 -8.57 -1.12 36.58
C SER F 85 -7.36 -0.27 36.30
N LEU F 86 -7.36 0.85 36.97
CA LEU F 86 -6.34 1.91 36.87
C LEU F 86 -5.00 1.39 37.31
N ARG F 87 -4.00 1.85 36.60
CA ARG F 87 -2.58 1.55 36.84
C ARG F 87 -1.89 2.86 37.19
N SER F 88 -0.68 2.75 37.69
CA SER F 88 0.08 3.92 38.13
C SER F 88 0.47 4.76 36.92
N GLU F 89 0.33 4.21 35.72
CA GLU F 89 0.77 4.94 34.52
C GLU F 89 -0.39 5.66 33.90
N ASP F 90 -1.54 5.62 34.54
CA ASP F 90 -2.76 6.28 34.03
C ASP F 90 -2.92 7.64 34.67
N THR F 91 -1.84 8.11 35.26
CA THR F 91 -1.83 9.38 35.99
C THR F 91 -1.62 10.47 34.96
N ALA F 92 -2.65 11.20 34.63
CA ALA F 92 -2.54 12.31 33.68
C ALA F 92 -3.70 13.26 33.84
N VAL F 93 -3.72 14.31 33.04
CA VAL F 93 -4.80 15.30 33.04
C VAL F 93 -5.62 14.99 31.80
N TYR F 94 -6.83 14.53 32.00
CA TYR F 94 -7.77 14.15 30.94
C TYR F 94 -8.54 15.37 30.51
N TYR F 95 -8.60 15.60 29.21
CA TYR F 95 -9.29 16.79 28.66
C TYR F 95 -10.35 16.28 27.70
N CYS F 96 -11.34 17.10 27.38
CA CYS F 96 -12.36 16.73 26.38
C CYS F 96 -12.40 17.89 25.40
N ALA F 97 -12.67 17.61 24.12
CA ALA F 97 -12.73 18.67 23.08
C ALA F 97 -14.17 18.98 22.69
N GLY F 98 -14.35 19.95 21.78
CA GLY F 98 -15.70 20.34 21.32
C GLY F 98 -16.00 19.79 19.92
N THR F 99 -17.26 19.86 19.51
CA THR F 99 -17.70 19.37 18.17
C THR F 99 -17.19 17.94 17.95
N GLY F 100 -16.56 17.68 16.80
CA GLY F 100 -16.02 16.35 16.47
C GLY F 100 -14.64 16.43 15.86
N THR F 101 -14.56 16.30 14.53
CA THR F 101 -13.25 16.37 13.82
C THR F 101 -12.50 17.64 14.25
N ARG F 102 -13.14 18.80 14.10
CA ARG F 102 -12.52 20.10 14.48
C ARG F 102 -12.33 20.14 15.99
N PHE F 103 -11.08 20.17 16.45
CA PHE F 103 -10.76 20.21 17.89
C PHE F 103 -10.88 21.60 18.47
N VAL F 104 -11.94 22.31 18.13
CA VAL F 104 -12.23 23.60 18.79
C VAL F 104 -12.99 23.29 20.06
N TYR F 105 -13.20 24.30 20.87
CA TYR F 105 -13.89 24.16 22.18
C TYR F 105 -13.04 23.25 23.00
N TRP F 106 -11.94 23.83 23.35
CA TRP F 106 -11.23 22.87 24.25
C TRP F 106 -11.79 22.96 25.67
N GLY F 107 -11.68 21.88 26.45
CA GLY F 107 -12.19 21.84 27.83
C GLY F 107 -11.14 22.29 28.84
N GLN F 108 -11.40 22.06 30.12
CA GLN F 108 -10.46 22.46 31.21
C GLN F 108 -9.33 21.43 31.32
N GLY F 109 -9.63 20.27 31.91
CA GLY F 109 -8.63 19.20 32.09
C GLY F 109 -8.82 18.72 33.48
N THR F 110 -9.00 17.43 33.71
CA THR F 110 -9.20 16.98 35.10
C THR F 110 -8.00 16.15 35.50
N LEU F 111 -7.37 16.38 36.64
CA LEU F 111 -6.17 15.56 36.95
C LEU F 111 -6.58 14.28 37.64
N VAL F 112 -6.06 13.15 37.21
CA VAL F 112 -6.35 11.87 37.89
C VAL F 112 -5.01 11.34 38.34
N THR F 113 -4.84 11.11 39.64
CA THR F 113 -3.57 10.63 40.19
C THR F 113 -3.74 9.20 40.67
N VAL F 114 -3.00 8.25 40.13
CA VAL F 114 -3.14 6.85 40.61
C VAL F 114 -1.85 6.49 41.34
N SER F 115 -1.90 6.25 42.64
CA SER F 115 -0.68 5.90 43.37
C SER F 115 -1.00 4.82 44.38
N SER F 116 -0.04 3.95 44.66
CA SER F 116 -0.24 2.90 45.69
C SER F 116 -0.02 3.50 47.07
N ALA F 117 0.48 4.73 47.09
CA ALA F 117 0.83 5.47 48.30
C ALA F 117 -0.37 6.01 49.06
N SER F 118 -0.19 6.05 50.38
CA SER F 118 -1.12 6.57 51.41
C SER F 118 -0.54 7.85 51.96
N THR F 119 -1.36 8.66 52.58
CA THR F 119 -0.96 10.01 53.02
C THR F 119 0.29 9.98 53.86
N LYS F 120 1.31 10.73 53.42
CA LYS F 120 2.61 10.86 54.08
C LYS F 120 2.97 12.32 54.20
N GLY F 121 3.52 12.70 55.32
CA GLY F 121 4.08 14.03 55.60
C GLY F 121 5.42 14.14 54.94
N PRO F 122 5.98 15.32 54.72
CA PRO F 122 7.19 15.43 53.99
C PRO F 122 8.38 15.41 54.92
N SER F 123 9.47 14.86 54.43
CA SER F 123 10.72 14.87 55.19
C SER F 123 11.50 16.04 54.65
N VAL F 124 11.46 17.20 55.28
CA VAL F 124 12.16 18.41 54.79
C VAL F 124 13.66 18.32 55.01
N PHE F 125 14.46 18.72 54.05
CA PHE F 125 15.91 18.72 54.20
C PHE F 125 16.41 20.10 53.85
N PRO F 126 17.13 20.81 54.73
CA PRO F 126 17.57 22.14 54.39
C PRO F 126 18.90 22.18 53.64
N LEU F 127 19.05 23.18 52.80
CA LEU F 127 20.28 23.29 52.00
C LEU F 127 20.91 24.64 52.22
N ALA F 128 22.19 24.62 52.49
CA ALA F 128 22.96 25.85 52.63
C ALA F 128 24.15 25.77 51.69
N PRO F 129 24.85 26.90 51.54
CA PRO F 129 25.99 27.01 50.65
C PRO F 129 27.30 26.29 51.01
N SER F 130 28.02 25.80 49.98
CA SER F 130 29.30 25.03 50.00
C SER F 130 30.40 25.82 49.28
N THR F 138 23.18 36.61 45.79
CA THR F 138 24.61 36.41 46.15
C THR F 138 24.79 35.04 46.79
N ALA F 139 23.88 34.59 47.66
CA ALA F 139 24.00 33.26 48.30
C ALA F 139 22.67 32.54 48.19
N ALA F 140 22.66 31.23 47.96
CA ALA F 140 21.35 30.58 47.78
C ALA F 140 21.04 29.54 48.84
N LEU F 141 19.85 29.67 49.39
CA LEU F 141 19.30 28.79 50.46
C LEU F 141 18.19 27.93 49.88
N GLY F 142 18.12 26.66 50.23
CA GLY F 142 17.06 25.83 49.67
C GLY F 142 16.45 24.88 50.67
N CYS F 143 15.28 24.36 50.36
CA CYS F 143 14.65 23.33 51.19
C CYS F 143 14.06 22.29 50.26
N LEU F 144 14.43 21.03 50.42
CA LEU F 144 13.83 19.94 49.64
C LEU F 144 12.85 19.19 50.52
N VAL F 145 11.62 19.13 50.10
CA VAL F 145 10.47 18.43 50.69
C VAL F 145 10.44 17.13 49.92
N LYS F 146 10.70 16.00 50.56
CA LYS F 146 10.83 14.70 49.89
C LYS F 146 9.75 13.73 50.35
N ASP F 147 9.31 12.86 49.47
CA ASP F 147 8.37 11.78 49.82
C ASP F 147 7.13 12.23 50.56
N TYR F 148 6.17 12.84 49.89
CA TYR F 148 4.91 13.20 50.58
C TYR F 148 3.77 12.87 49.66
N PHE F 149 2.70 12.36 50.20
CA PHE F 149 1.51 12.06 49.40
C PHE F 149 0.31 12.55 50.17
N PRO F 150 -0.68 13.27 49.65
CA PRO F 150 -0.69 13.74 48.32
C PRO F 150 -0.34 15.21 48.17
N GLU F 151 -0.70 15.77 47.05
CA GLU F 151 -0.54 17.20 46.76
C GLU F 151 -1.68 17.95 47.43
N PRO F 152 -1.60 19.24 47.72
CA PRO F 152 -0.39 20.01 47.71
C PRO F 152 0.44 20.26 48.96
N VAL F 153 1.49 21.06 48.77
CA VAL F 153 2.44 21.54 49.81
C VAL F 153 2.67 23.00 49.52
N THR F 154 2.55 23.87 50.51
CA THR F 154 2.84 25.29 50.32
C THR F 154 4.07 25.56 51.15
N VAL F 155 5.09 26.17 50.57
CA VAL F 155 6.39 26.49 51.21
C VAL F 155 6.58 28.00 51.26
N SER F 156 7.02 28.48 52.40
CA SER F 156 7.24 29.91 52.71
C SER F 156 8.62 30.10 53.30
N TRP F 157 9.07 31.32 53.42
CA TRP F 157 10.36 31.53 54.08
C TRP F 157 10.11 32.66 55.06
N ASN F 158 10.53 32.51 56.30
CA ASN F 158 10.43 33.46 57.44
C ASN F 158 8.98 33.74 57.75
N SER F 159 8.17 32.69 57.58
CA SER F 159 6.70 32.62 57.75
C SER F 159 5.97 33.54 56.79
N GLY F 160 6.42 33.60 55.55
CA GLY F 160 5.78 34.47 54.55
C GLY F 160 6.37 35.84 54.52
N ALA F 161 7.21 36.16 55.50
CA ALA F 161 7.91 37.44 55.56
C ALA F 161 8.92 37.59 54.44
N LEU F 162 9.60 36.52 54.04
CA LEU F 162 10.62 36.65 52.99
C LEU F 162 10.03 36.26 51.63
N THR F 163 9.97 37.20 50.70
CA THR F 163 9.40 36.92 49.36
C THR F 163 10.40 37.20 48.26
N SER F 164 11.25 38.19 48.40
CA SER F 164 12.14 38.50 47.27
C SER F 164 13.19 37.43 47.11
N GLY F 165 13.27 36.84 45.94
CA GLY F 165 14.30 35.85 45.63
C GLY F 165 13.91 34.42 45.85
N VAL F 166 12.69 34.21 46.29
CA VAL F 166 12.21 32.84 46.63
C VAL F 166 11.48 32.23 45.45
N HIS F 167 11.92 31.05 45.04
CA HIS F 167 11.30 30.30 43.93
C HIS F 167 10.99 28.87 44.35
N THR F 168 9.72 28.49 44.33
CA THR F 168 9.30 27.11 44.65
C THR F 168 8.96 26.45 43.32
N PHE F 169 9.71 25.43 42.95
CA PHE F 169 9.55 24.68 41.69
C PHE F 169 8.42 23.67 41.75
N PRO F 170 7.80 23.30 40.62
CA PRO F 170 6.73 22.33 40.59
C PRO F 170 7.10 20.96 41.13
N ALA F 171 6.15 20.30 41.78
CA ALA F 171 6.36 18.98 42.40
C ALA F 171 6.60 17.91 41.36
N VAL F 172 7.29 16.86 41.76
CA VAL F 172 7.59 15.73 40.85
C VAL F 172 7.15 14.43 41.48
N LEU F 173 6.15 13.76 40.92
CA LEU F 173 5.75 12.47 41.51
C LEU F 173 6.81 11.47 41.13
N GLN F 174 7.43 10.85 42.11
CA GLN F 174 8.50 9.87 41.90
C GLN F 174 7.90 8.53 41.51
N SER F 175 8.77 7.57 41.30
CA SER F 175 8.47 6.18 40.89
C SER F 175 7.67 5.47 41.97
N SER F 176 8.00 5.77 43.21
CA SER F 176 7.46 5.24 44.47
C SER F 176 6.03 5.66 44.70
N GLY F 177 5.60 6.73 44.07
CA GLY F 177 4.22 7.20 44.27
C GLY F 177 4.19 8.38 45.18
N LEU F 178 5.34 8.96 45.42
CA LEU F 178 5.46 10.10 46.35
C LEU F 178 6.04 11.32 45.66
N TYR F 179 5.40 12.46 45.84
CA TYR F 179 5.85 13.74 45.28
C TYR F 179 7.07 14.24 46.04
N SER F 180 7.92 15.04 45.41
CA SER F 180 9.07 15.74 46.04
C SER F 180 9.07 17.17 45.54
N LEU F 181 9.45 18.13 46.34
CA LEU F 181 9.42 19.55 45.92
C LEU F 181 10.71 20.26 46.29
N SER F 182 11.09 21.33 45.62
CA SER F 182 12.30 22.09 46.00
C SER F 182 11.97 23.55 46.19
N SER F 183 12.34 24.17 47.29
CA SER F 183 12.18 25.63 47.47
C SER F 183 13.55 26.25 47.68
N VAL F 184 13.93 27.22 46.86
CA VAL F 184 15.25 27.88 46.93
C VAL F 184 15.05 29.37 47.09
N VAL F 185 15.92 30.03 47.83
CA VAL F 185 15.87 31.51 47.98
C VAL F 185 17.28 32.09 47.88
N THR F 186 17.49 33.15 47.12
CA THR F 186 18.81 33.81 47.01
C THR F 186 18.76 35.03 47.91
N VAL F 187 19.72 35.15 48.80
CA VAL F 187 19.74 36.25 49.79
C VAL F 187 21.14 36.84 49.82
N PRO F 188 21.29 38.13 50.12
CA PRO F 188 22.56 38.75 50.11
C PRO F 188 23.44 37.90 50.99
N SER F 189 24.63 37.56 50.49
CA SER F 189 25.56 36.70 51.24
C SER F 189 25.97 37.37 52.52
N SER F 190 25.94 38.68 52.57
CA SER F 190 26.40 39.33 53.81
C SER F 190 25.50 38.96 54.97
N SER F 191 24.21 38.79 54.72
CA SER F 191 23.23 38.62 55.82
C SER F 191 23.21 37.23 56.41
N LEU F 192 24.01 36.33 55.90
CA LEU F 192 23.88 34.94 56.35
C LEU F 192 24.09 34.83 57.84
N GLY F 193 25.13 35.41 58.39
CA GLY F 193 25.31 35.28 59.85
C GLY F 193 24.30 36.03 60.67
N THR F 194 24.03 37.27 60.32
CA THR F 194 23.08 38.09 61.10
C THR F 194 21.62 37.66 60.96
N GLN F 195 21.11 37.48 59.75
CA GLN F 195 19.68 37.11 59.61
C GLN F 195 19.50 35.62 59.74
N THR F 196 18.32 35.22 60.20
CA THR F 196 17.96 33.79 60.38
C THR F 196 16.90 33.43 59.37
N TYR F 197 17.12 32.36 58.59
CA TYR F 197 16.15 31.93 57.55
C TYR F 197 15.50 30.60 57.97
N ILE F 198 14.42 30.23 57.27
CA ILE F 198 13.68 28.96 57.55
C ILE F 198 12.99 28.48 56.27
N CYS F 199 12.32 27.33 56.34
CA CYS F 199 11.59 26.76 55.16
C CYS F 199 10.10 27.03 55.30
N ASN F 200 9.53 26.67 56.45
CA ASN F 200 8.08 26.88 56.74
C ASN F 200 7.22 26.19 55.66
N VAL F 201 7.22 24.86 55.64
CA VAL F 201 6.40 24.07 54.66
C VAL F 201 5.06 23.74 55.32
N ASN F 202 4.05 23.38 54.51
CA ASN F 202 2.73 23.06 55.08
C ASN F 202 2.05 21.97 54.26
N HIS F 203 1.99 20.72 54.71
CA HIS F 203 1.23 19.69 53.95
C HIS F 203 -0.09 19.51 54.66
N LYS F 204 -1.09 20.28 54.30
CA LYS F 204 -2.41 20.31 54.93
C LYS F 204 -3.03 18.94 54.89
N PRO F 205 -2.84 18.14 53.86
CA PRO F 205 -3.39 16.82 53.84
C PRO F 205 -2.91 15.97 55.02
N SER F 206 -1.68 16.07 55.46
CA SER F 206 -1.26 15.21 56.59
C SER F 206 -1.40 15.95 57.89
N ASN F 207 -1.83 17.19 57.79
CA ASN F 207 -2.07 18.12 58.91
C ASN F 207 -0.77 18.51 59.57
N THR F 208 0.32 18.49 58.83
CA THR F 208 1.64 18.79 59.40
C THR F 208 2.29 20.00 58.73
N LYS F 209 2.89 20.87 59.51
CA LYS F 209 3.66 22.03 59.01
C LYS F 209 5.04 21.94 59.65
N VAL F 210 6.09 21.70 58.89
CA VAL F 210 7.49 21.64 59.38
C VAL F 210 8.17 22.97 59.12
N ASP F 211 8.78 23.54 60.14
CA ASP F 211 9.51 24.80 59.99
C ASP F 211 10.94 24.38 60.20
N LYS F 212 11.72 24.35 59.14
CA LYS F 212 13.14 24.00 59.20
C LYS F 212 13.91 25.30 59.18
N LYS F 213 15.05 25.35 59.88
CA LYS F 213 15.91 26.54 59.90
C LYS F 213 17.16 26.16 59.13
N VAL F 214 17.57 26.99 58.17
CA VAL F 214 18.75 26.65 57.34
C VAL F 214 19.83 27.66 57.64
N GLU F 215 20.93 27.20 58.21
CA GLU F 215 22.04 28.08 58.54
C GLU F 215 23.26 27.42 57.96
N PRO F 216 24.09 28.21 57.28
CA PRO F 216 25.30 27.79 56.67
C PRO F 216 26.08 26.59 57.19
#